data_7SP9
#
_entry.id   7SP9
#
_cell.length_a   1.00
_cell.length_b   1.00
_cell.length_c   1.00
_cell.angle_alpha   90.00
_cell.angle_beta   90.00
_cell.angle_gamma   90.00
#
_symmetry.space_group_name_H-M   'P 1'
#
loop_
_entity.id
_entity.type
_entity.pdbx_description
1 polymer 'Nanobody 872'
2 polymer 'Nanobody 881'
3 polymer 'Hyaluronan synthase'
4 non-polymer 2-acetamido-2-deoxy-beta-D-glucopyranose
5 non-polymer 'CHOLESTEROL HEMISUCCINATE'
#
loop_
_entity_poly.entity_id
_entity_poly.type
_entity_poly.pdbx_seq_one_letter_code
_entity_poly.pdbx_strand_id
1 'polypeptide(L)'
;QVQLVESGGGLVQAGGSLKVSCAASGRAFKTYRMAWFRQAPGKEREFVSGISALETTYYADSVKGRFTISRDNTKNTVSL
QMDSLKPEDTAVYYCAARRYGGTDYTTTGSYDYWGQGTQVTVSSHHHHHHEPEA
;
B
2 'polypeptide(L)'
;QVQLVESGGGLVQAGGSLRLACAASGRIFSSDTLAWFRRAPGKEREFVAASRWSGGGTDYADSVKGRFTFSRDNTRNTMC
LEMNSLKPEDTAVYYCALRTARDSYYYTRNPTGYDYWGQGTQVTVSSHHHHHHEPEA
;
C
3 'polypeptide(L)'
;MGTSWRTIVSANLFAVGGALLMLAPAIVGYVFQWNIGVSAVWGISVYGVFVLGFYIAQIVFSEFNRMRLSDWISLRPDNW
NATRVAVIIAGYREDPFMFKKCLESVRDSEYGNVARLICVIDGDEEEDLKMAEIYKQVYNDNVKKPGVVLCESENKNGST
IDSDVSKNICILQPHRGKRESLYTGFQLASMDPSVHAVVLIDSDTVLEKNAILEVVYPLSCDPNIKAVAGECKIWNTDTI
LSMLVSWRYFSAFNVERGAQSLWKTVQCVGGPLGAYTIDIINEIKDPWITQTFLGNKCTYGDNRRLTNEVLMRGKKIVYT
PFAVGWSDSPTNVMRYIVQQTRWSKSWCREIWYTLGSAWKHGFSGIYLAFECMYQIMYFFLVMYLFSYIAIKADIRAQTA
TVLVSTLVTIIKSSYLALRAKNLKAFYFVLYTYVYFFCMIPARITAMFTMFDIAWGTRGGNAKMTIGARVWLWAKQFLIT
YMWWAGVLAAGVYSIVDNWYFDWADIQYRFALVGICSYLVFVSIVLVIYLIGKITTWNYTPLQKELIEERYLHNASENAP
EVLEHHHHHH
;
A
#
loop_
_chem_comp.id
_chem_comp.type
_chem_comp.name
_chem_comp.formula
NAG D-saccharide, beta linking 2-acetamido-2-deoxy-beta-D-glucopyranose 'C8 H15 N O6'
Y01 non-polymer 'CHOLESTEROL HEMISUCCINATE' 'C31 H50 O4'
#
# COMPACT_ATOMS: atom_id res chain seq x y z
N GLN A 1 40.04 5.37 32.73
CA GLN A 1 41.32 5.27 33.43
C GLN A 1 41.84 3.84 33.45
N VAL A 2 42.94 3.61 32.75
CA VAL A 2 43.56 2.30 32.65
C VAL A 2 45.02 2.39 33.09
N GLN A 3 45.46 1.41 33.87
CA GLN A 3 46.83 1.33 34.34
C GLN A 3 47.57 0.25 33.56
N LEU A 4 48.69 0.62 32.97
CA LEU A 4 49.45 -0.27 32.09
C LEU A 4 50.65 -0.84 32.84
N VAL A 5 50.86 -2.14 32.70
CA VAL A 5 52.01 -2.83 33.29
C VAL A 5 52.66 -3.67 32.20
N GLU A 6 53.96 -3.94 32.37
CA GLU A 6 54.74 -4.65 31.38
C GLU A 6 55.34 -5.90 31.99
N SER A 7 55.44 -6.95 31.17
CA SER A 7 56.02 -8.22 31.60
C SER A 7 56.56 -8.94 30.37
N GLY A 8 57.88 -9.11 30.32
CA GLY A 8 58.51 -9.77 29.19
C GLY A 8 59.96 -9.38 29.08
N GLY A 9 60.48 -9.45 27.86
CA GLY A 9 61.87 -9.12 27.59
C GLY A 9 62.80 -10.29 27.80
N GLY A 10 64.07 -9.97 27.92
CA GLY A 10 65.11 -10.96 28.13
C GLY A 10 66.38 -10.63 27.34
N LEU A 11 67.39 -11.46 27.57
CA LEU A 11 68.69 -11.32 26.93
C LEU A 11 68.86 -12.45 25.92
N VAL A 12 68.61 -12.15 24.64
CA VAL A 12 68.72 -13.10 23.56
C VAL A 12 69.67 -12.54 22.51
N GLN A 13 70.41 -13.44 21.87
CA GLN A 13 71.38 -13.04 20.85
C GLN A 13 70.67 -12.51 19.61
N ALA A 14 71.46 -12.11 18.62
CA ALA A 14 70.91 -11.58 17.38
C ALA A 14 70.13 -12.65 16.63
N GLY A 15 69.01 -12.26 16.03
CA GLY A 15 68.16 -13.17 15.32
C GLY A 15 67.14 -13.91 16.16
N GLY A 16 67.10 -13.65 17.46
CA GLY A 16 66.15 -14.30 18.34
C GLY A 16 64.76 -13.69 18.25
N SER A 17 63.85 -14.28 19.00
CA SER A 17 62.46 -13.86 19.05
C SER A 17 62.02 -13.64 20.49
N LEU A 18 61.21 -12.62 20.71
CA LEU A 18 60.68 -12.29 22.03
C LEU A 18 59.18 -12.01 21.94
N LYS A 19 58.50 -12.24 23.05
CA LYS A 19 57.06 -12.00 23.15
C LYS A 19 56.82 -11.11 24.37
N VAL A 20 56.38 -9.87 24.11
CA VAL A 20 56.11 -8.90 25.15
C VAL A 20 54.62 -8.65 25.22
N SER A 21 54.08 -8.60 26.43
CA SER A 21 52.66 -8.41 26.65
C SER A 21 52.43 -7.30 27.67
N CYS A 22 51.31 -6.60 27.51
CA CYS A 22 50.93 -5.52 28.40
C CYS A 22 49.53 -5.79 28.96
N ALA A 23 49.39 -5.65 30.28
CA ALA A 23 48.13 -5.88 30.96
C ALA A 23 47.58 -4.56 31.46
N ALA A 24 46.29 -4.32 31.20
CA ALA A 24 45.62 -3.09 31.57
C ALA A 24 44.47 -3.38 32.53
N SER A 25 44.33 -2.55 33.55
CA SER A 25 43.25 -2.66 34.52
C SER A 25 42.32 -1.47 34.34
N GLY A 26 41.05 -1.74 34.10
CA GLY A 26 40.10 -0.67 33.87
C GLY A 26 38.70 -1.19 33.76
N ARG A 27 37.81 -0.35 33.22
CA ARG A 27 36.40 -0.68 33.08
C ARG A 27 36.10 -1.32 31.72
N ALA A 28 36.41 -0.61 30.64
CA ALA A 28 36.13 -1.07 29.28
C ALA A 28 37.41 -0.99 28.46
N PHE A 29 38.16 -2.08 28.44
CA PHE A 29 39.38 -2.17 27.64
C PHE A 29 39.08 -2.45 26.16
N LYS A 30 37.89 -2.94 25.85
CA LYS A 30 37.54 -3.30 24.49
C LYS A 30 37.47 -2.10 23.54
N THR A 31 37.43 -0.89 24.08
CA THR A 31 37.26 0.32 23.27
C THR A 31 38.43 1.28 23.45
N TYR A 32 39.63 0.75 23.69
CA TYR A 32 40.82 1.56 23.89
C TYR A 32 41.85 1.23 22.81
N ARG A 33 42.49 2.26 22.27
CA ARG A 33 43.50 2.10 21.25
C ARG A 33 44.86 1.86 21.91
N MET A 34 45.54 0.81 21.48
CA MET A 34 46.83 0.43 22.05
C MET A 34 47.96 0.77 21.10
N ALA A 35 49.12 1.07 21.67
CA ALA A 35 50.30 1.43 20.88
C ALA A 35 51.55 1.02 21.64
N TRP A 36 52.65 0.88 20.91
CA TRP A 36 53.93 0.50 21.48
C TRP A 36 54.98 1.54 21.13
N PHE A 37 55.78 1.92 22.13
CA PHE A 37 56.88 2.85 21.95
C PHE A 37 58.13 2.31 22.61
N ARG A 38 59.29 2.60 22.01
CA ARG A 38 60.57 2.17 22.54
C ARG A 38 61.49 3.37 22.68
N GLN A 39 62.22 3.42 23.79
CA GLN A 39 63.15 4.50 24.09
C GLN A 39 64.57 3.94 24.17
N ALA A 40 65.39 4.26 23.19
CA ALA A 40 66.79 3.91 23.22
C ALA A 40 67.55 4.87 24.14
N PRO A 41 68.67 4.43 24.72
CA PRO A 41 69.43 5.34 25.60
C PRO A 41 69.98 6.57 24.89
N GLY A 42 70.13 6.53 23.57
CA GLY A 42 70.65 7.65 22.81
C GLY A 42 69.63 8.50 22.09
N LYS A 43 68.35 8.17 22.15
CA LYS A 43 67.33 8.91 21.44
C LYS A 43 66.06 8.93 22.28
N GLU A 44 64.96 9.37 21.67
CA GLU A 44 63.67 9.51 22.34
C GLU A 44 62.69 8.48 21.79
N ARG A 45 61.57 8.34 22.49
CA ARG A 45 60.55 7.35 22.12
C ARG A 45 60.03 7.61 20.72
N GLU A 46 59.79 6.52 19.99
CA GLU A 46 59.20 6.60 18.66
C GLU A 46 58.12 5.53 18.52
N PHE A 47 57.16 5.79 17.65
CA PHE A 47 56.10 4.82 17.38
C PHE A 47 56.64 3.72 16.47
N VAL A 48 56.39 2.46 16.88
CA VAL A 48 56.84 1.30 16.12
C VAL A 48 55.67 0.45 15.65
N SER A 49 54.67 0.23 16.51
CA SER A 49 53.51 -0.57 16.15
C SER A 49 52.36 -0.22 17.08
N GLY A 50 51.14 -0.25 16.54
CA GLY A 50 49.96 0.06 17.32
C GLY A 50 48.74 -0.62 16.73
N ILE A 51 47.76 -0.89 17.59
CA ILE A 51 46.53 -1.54 17.18
C ILE A 51 45.35 -0.76 17.77
N SER A 52 44.32 -0.54 16.96
CA SER A 52 43.14 0.19 17.39
C SER A 52 42.08 -0.78 17.91
N ALA A 53 40.93 -0.23 18.29
CA ALA A 53 39.83 -1.08 18.78
C ALA A 53 39.27 -1.95 17.67
N LEU A 54 39.32 -1.49 16.43
CA LEU A 54 38.79 -2.23 15.28
C LEU A 54 39.83 -3.16 14.66
N GLU A 55 40.86 -3.54 15.42
CA GLU A 55 41.89 -4.48 14.99
C GLU A 55 42.69 -3.98 13.79
N THR A 56 42.79 -2.67 13.63
CA THR A 56 43.62 -2.09 12.57
C THR A 56 45.08 -2.11 13.01
N THR A 57 45.95 -2.56 12.12
CA THR A 57 47.37 -2.73 12.41
C THR A 57 48.17 -1.65 11.68
N TYR A 58 49.06 -0.98 12.42
CA TYR A 58 49.92 0.05 11.86
C TYR A 58 51.37 -0.28 12.17
N TYR A 59 52.21 -0.23 11.14
CA TYR A 59 53.65 -0.47 11.30
C TYR A 59 54.42 0.54 10.46
N ALA A 60 55.67 0.77 10.84
CA ALA A 60 56.54 1.68 10.11
C ALA A 60 57.98 1.28 10.36
N ASP A 61 58.85 1.66 9.41
CA ASP A 61 60.29 1.39 9.48
C ASP A 61 60.56 -0.11 9.59
N SER A 62 60.18 -0.84 8.54
CA SER A 62 60.41 -2.27 8.35
C SER A 62 59.67 -3.15 9.35
N VAL A 63 58.86 -2.56 10.25
CA VAL A 63 58.11 -3.35 11.20
C VAL A 63 56.96 -4.11 10.52
N LYS A 64 56.59 -3.69 9.30
CA LYS A 64 55.50 -4.35 8.58
C LYS A 64 55.78 -5.83 8.39
N GLY A 65 57.00 -6.16 7.97
CA GLY A 65 57.42 -7.53 7.78
C GLY A 65 58.28 -8.11 8.89
N ARG A 66 58.39 -7.42 10.03
CA ARG A 66 59.25 -7.87 11.12
C ARG A 66 58.46 -8.21 12.38
N PHE A 67 57.61 -7.31 12.86
CA PHE A 67 56.85 -7.50 14.09
C PHE A 67 55.38 -7.70 13.77
N THR A 68 54.68 -8.32 14.72
CA THR A 68 53.25 -8.55 14.62
C THR A 68 52.59 -8.15 15.93
N ILE A 69 51.46 -7.45 15.84
CA ILE A 69 50.74 -6.95 17.00
C ILE A 69 49.35 -7.58 17.03
N SER A 70 48.90 -7.94 18.22
CA SER A 70 47.56 -8.49 18.41
C SER A 70 47.10 -8.18 19.82
N ARG A 71 45.77 -8.22 20.01
CA ARG A 71 45.16 -7.94 21.29
C ARG A 71 44.11 -8.99 21.61
N ASP A 72 43.97 -9.29 22.90
CA ASP A 72 42.99 -10.26 23.38
C ASP A 72 42.05 -9.54 24.36
N ASN A 73 40.82 -9.30 23.91
CA ASN A 73 39.85 -8.60 24.76
C ASN A 73 39.41 -9.45 25.95
N THR A 74 39.30 -10.76 25.76
CA THR A 74 38.85 -11.64 26.84
C THR A 74 39.82 -11.61 28.02
N LYS A 75 41.12 -11.67 27.74
CA LYS A 75 42.14 -11.64 28.77
C LYS A 75 42.53 -10.23 29.19
N ASN A 76 42.00 -9.20 28.51
CA ASN A 76 42.30 -7.80 28.81
C ASN A 76 43.80 -7.54 28.77
N THR A 77 44.41 -7.87 27.63
CA THR A 77 45.84 -7.71 27.45
C THR A 77 46.15 -7.50 25.97
N VAL A 78 47.32 -6.94 25.70
CA VAL A 78 47.80 -6.69 24.36
C VAL A 78 49.26 -7.13 24.27
N SER A 79 49.62 -7.78 23.17
CA SER A 79 50.96 -8.31 23.00
C SER A 79 51.49 -7.92 21.63
N LEU A 80 52.81 -7.85 21.52
CA LEU A 80 53.51 -7.50 20.28
C LEU A 80 54.54 -8.58 19.99
N GLN A 81 54.27 -9.39 18.96
CA GLN A 81 55.23 -10.42 18.56
C GLN A 81 56.47 -9.78 17.95
N MET A 82 57.64 -10.30 18.33
CA MET A 82 58.91 -9.79 17.85
C MET A 82 59.70 -10.93 17.20
N ASP A 83 60.15 -10.71 15.98
CA ASP A 83 60.91 -11.71 15.24
C ASP A 83 62.08 -11.05 14.54
N SER A 84 63.15 -11.82 14.33
CA SER A 84 64.36 -11.36 13.65
C SER A 84 64.91 -10.09 14.30
N LEU A 85 65.23 -10.22 15.59
CA LEU A 85 65.74 -9.09 16.35
C LEU A 85 67.15 -8.72 15.91
N LYS A 86 67.51 -7.47 16.13
CA LYS A 86 68.79 -6.89 15.75
C LYS A 86 69.38 -6.16 16.94
N PRO A 87 70.71 -6.04 16.99
CA PRO A 87 71.34 -5.34 18.13
C PRO A 87 70.89 -3.89 18.28
N GLU A 88 70.60 -3.20 17.18
CA GLU A 88 70.16 -1.81 17.26
C GLU A 88 68.75 -1.66 17.82
N ASP A 89 68.01 -2.76 17.98
CA ASP A 89 66.66 -2.72 18.53
C ASP A 89 66.64 -2.70 20.04
N THR A 90 67.79 -2.76 20.69
CA THR A 90 67.86 -2.76 22.15
C THR A 90 67.33 -1.44 22.72
N ALA A 91 66.18 -1.49 23.38
CA ALA A 91 65.57 -0.31 23.99
C ALA A 91 64.47 -0.77 24.93
N VAL A 92 64.15 0.10 25.88
CA VAL A 92 63.04 -0.14 26.80
C VAL A 92 61.74 0.17 26.09
N TYR A 93 60.78 -0.75 26.17
CA TYR A 93 59.52 -0.65 25.44
C TYR A 93 58.43 -0.11 26.35
N TYR A 94 57.72 0.91 25.88
CA TYR A 94 56.62 1.54 26.61
C TYR A 94 55.34 1.34 25.82
N CYS A 95 54.28 0.94 26.52
CA CYS A 95 52.96 0.78 25.92
C CYS A 95 52.10 1.99 26.26
N ALA A 96 51.19 2.33 25.34
CA ALA A 96 50.34 3.49 25.50
C ALA A 96 48.89 3.11 25.21
N ALA A 97 47.97 3.83 25.85
CA ALA A 97 46.54 3.62 25.67
C ALA A 97 45.87 4.97 25.46
N ARG A 98 44.80 4.96 24.65
CA ARG A 98 44.08 6.18 24.33
C ARG A 98 42.62 5.85 24.07
N ARG A 99 41.73 6.75 24.49
CA ARG A 99 40.30 6.62 24.26
C ARG A 99 39.76 7.60 23.23
N TYR A 100 40.18 8.86 23.30
CA TYR A 100 39.82 9.88 22.33
C TYR A 100 41.08 10.45 21.71
N GLY A 101 41.07 10.59 20.38
CA GLY A 101 42.23 11.12 19.69
C GLY A 101 41.87 11.50 18.27
N GLY A 102 42.86 12.10 17.59
CA GLY A 102 42.67 12.53 16.22
C GLY A 102 43.54 11.79 15.23
N THR A 103 43.97 12.49 14.17
CA THR A 103 44.80 11.86 13.15
C THR A 103 46.18 11.50 13.69
N ASP A 104 46.72 12.30 14.61
CA ASP A 104 48.06 12.07 15.12
C ASP A 104 48.06 10.87 16.06
N TYR A 105 48.81 9.82 15.67
CA TYR A 105 48.96 8.62 16.49
C TYR A 105 50.41 8.26 16.73
N THR A 106 51.35 9.14 16.39
CA THR A 106 52.78 8.89 16.53
C THR A 106 53.40 9.67 17.68
N THR A 107 53.00 10.92 17.87
CA THR A 107 53.56 11.74 18.93
C THR A 107 53.20 11.19 20.31
N THR A 108 54.11 11.38 21.27
CA THR A 108 53.88 10.87 22.62
C THR A 108 52.75 11.61 23.32
N GLY A 109 52.52 12.88 22.99
CA GLY A 109 51.46 13.64 23.61
C GLY A 109 50.06 13.26 23.18
N SER A 110 49.91 12.54 22.07
CA SER A 110 48.59 12.11 21.63
C SER A 110 47.97 11.13 22.61
N TYR A 111 48.77 10.22 23.16
CA TYR A 111 48.28 9.21 24.09
C TYR A 111 48.35 9.75 25.51
N ASP A 112 47.24 9.64 26.23
CA ASP A 112 47.14 10.16 27.60
C ASP A 112 47.44 9.11 28.66
N TYR A 113 47.78 7.88 28.26
CA TYR A 113 48.08 6.81 29.19
C TYR A 113 49.39 6.15 28.81
N TRP A 114 50.19 5.80 29.81
CA TRP A 114 51.51 5.21 29.61
C TRP A 114 51.75 4.14 30.65
N GLY A 115 52.84 3.38 30.45
CA GLY A 115 53.20 2.32 31.37
C GLY A 115 54.62 2.51 31.90
N GLN A 116 54.97 1.68 32.87
CA GLN A 116 56.30 1.77 33.48
C GLN A 116 57.40 1.35 32.51
N GLY A 117 57.12 0.38 31.63
CA GLY A 117 58.08 -0.02 30.63
C GLY A 117 58.99 -1.15 31.06
N THR A 118 59.27 -2.08 30.14
CA THR A 118 60.15 -3.21 30.39
C THR A 118 61.39 -3.10 29.51
N GLN A 119 62.53 -3.50 30.06
CA GLN A 119 63.79 -3.39 29.34
C GLN A 119 64.00 -4.61 28.44
N VAL A 120 64.34 -4.35 27.18
CA VAL A 120 64.62 -5.39 26.19
C VAL A 120 66.01 -5.15 25.64
N THR A 121 66.84 -6.18 25.69
CA THR A 121 68.22 -6.10 25.23
C THR A 121 68.49 -7.20 24.20
N VAL A 122 69.37 -6.89 23.25
CA VAL A 122 69.75 -7.83 22.20
C VAL A 122 71.28 -7.96 22.21
N SER A 123 71.75 -9.20 22.25
CA SER A 123 73.19 -9.47 22.27
C SER A 123 73.61 -10.25 21.02
N GLN B 1 -34.27 20.96 -9.92
CA GLN B 1 -32.87 20.58 -9.85
C GLN B 1 -32.14 20.97 -11.13
N VAL B 2 -32.78 20.73 -12.28
CA VAL B 2 -32.20 21.02 -13.59
C VAL B 2 -33.23 21.80 -14.40
N GLN B 3 -32.74 22.76 -15.19
CA GLN B 3 -33.58 23.56 -16.06
C GLN B 3 -33.07 23.46 -17.49
N LEU B 4 -33.97 23.21 -18.43
CA LEU B 4 -33.62 23.03 -19.84
C LEU B 4 -34.13 24.23 -20.62
N VAL B 5 -33.23 24.90 -21.33
CA VAL B 5 -33.55 26.05 -22.17
C VAL B 5 -33.17 25.73 -23.60
N GLU B 6 -34.10 25.96 -24.53
CA GLU B 6 -33.92 25.64 -25.93
C GLU B 6 -33.58 26.89 -26.73
N SER B 7 -32.71 26.73 -27.72
CA SER B 7 -32.30 27.81 -28.61
C SER B 7 -32.46 27.36 -30.05
N GLY B 8 -32.48 28.34 -30.96
CA GLY B 8 -32.62 28.05 -32.37
C GLY B 8 -34.06 27.86 -32.79
N GLY B 9 -34.32 27.92 -34.09
CA GLY B 9 -35.66 27.78 -34.61
C GLY B 9 -35.86 28.69 -35.81
N GLY B 10 -37.10 29.15 -35.95
CA GLY B 10 -37.47 30.06 -37.02
C GLY B 10 -38.14 29.33 -38.18
N LEU B 11 -38.56 30.13 -39.16
CA LEU B 11 -39.24 29.61 -40.34
C LEU B 11 -38.19 29.23 -41.38
N VAL B 12 -38.24 27.97 -41.82
CA VAL B 12 -37.30 27.44 -42.80
C VAL B 12 -38.10 26.77 -43.92
N GLN B 13 -37.75 27.06 -45.16
CA GLN B 13 -38.42 26.47 -46.31
C GLN B 13 -38.15 24.97 -46.37
N ALA B 14 -38.77 24.31 -47.35
CA ALA B 14 -38.61 22.86 -47.51
C ALA B 14 -37.15 22.50 -47.79
N GLY B 15 -36.40 23.37 -48.46
CA GLY B 15 -35.00 23.12 -48.71
C GLY B 15 -34.09 23.93 -47.82
N GLY B 16 -33.34 23.24 -46.97
CA GLY B 16 -32.44 23.93 -46.05
C GLY B 16 -32.14 23.05 -44.84
N SER B 17 -31.63 23.70 -43.80
CA SER B 17 -31.28 23.00 -42.57
C SER B 17 -31.27 23.99 -41.42
N LEU B 18 -31.34 23.46 -40.21
CA LEU B 18 -31.30 24.28 -39.00
C LEU B 18 -30.75 23.45 -37.86
N ARG B 19 -30.31 24.14 -36.80
CA ARG B 19 -29.72 23.49 -35.64
C ARG B 19 -30.50 23.89 -34.39
N LEU B 20 -30.84 22.90 -33.58
CA LEU B 20 -31.56 23.10 -32.32
C LEU B 20 -30.63 22.79 -31.16
N ALA B 21 -30.53 23.71 -30.21
CA ALA B 21 -29.64 23.57 -29.06
C ALA B 21 -30.46 23.63 -27.77
N CYS B 22 -30.20 22.69 -26.88
CA CYS B 22 -30.83 22.65 -25.56
C CYS B 22 -29.77 22.91 -24.50
N ALA B 23 -30.04 23.85 -23.60
CA ALA B 23 -29.06 24.28 -22.61
C ALA B 23 -29.50 23.85 -21.21
N ALA B 24 -28.53 23.47 -20.39
CA ALA B 24 -28.79 23.06 -19.02
C ALA B 24 -27.77 23.72 -18.11
N SER B 25 -28.17 23.93 -16.85
CA SER B 25 -27.32 24.57 -15.85
C SER B 25 -27.42 23.77 -14.56
N GLY B 26 -26.42 22.94 -14.31
CA GLY B 26 -26.37 22.13 -13.11
C GLY B 26 -25.60 20.85 -13.36
N ARG B 27 -25.82 19.87 -12.48
CA ARG B 27 -25.19 18.58 -12.57
C ARG B 27 -26.22 17.53 -12.95
N ILE B 28 -25.94 16.76 -13.99
CA ILE B 28 -26.84 15.72 -14.47
C ILE B 28 -26.28 14.33 -14.24
N PHE B 29 -25.14 14.22 -13.57
CA PHE B 29 -24.50 12.97 -13.15
C PHE B 29 -24.00 12.12 -14.32
N SER B 30 -24.14 12.59 -15.56
CA SER B 30 -23.63 11.91 -16.76
C SER B 30 -24.24 10.52 -16.95
N SER B 31 -25.40 10.26 -16.34
CA SER B 31 -26.08 8.99 -16.48
C SER B 31 -27.55 9.12 -16.88
N ASP B 32 -28.11 10.31 -16.84
CA ASP B 32 -29.52 10.51 -17.18
C ASP B 32 -29.74 10.31 -18.68
N THR B 33 -30.98 9.99 -19.03
CA THR B 33 -31.37 9.75 -20.41
C THR B 33 -31.95 11.03 -21.00
N LEU B 34 -31.45 11.43 -22.15
CA LEU B 34 -31.86 12.67 -22.81
C LEU B 34 -32.53 12.33 -24.14
N ALA B 35 -33.70 12.89 -24.39
CA ALA B 35 -34.47 12.60 -25.58
C ALA B 35 -35.06 13.88 -26.16
N TRP B 36 -35.60 13.76 -27.37
CA TRP B 36 -36.25 14.85 -28.08
C TRP B 36 -37.63 14.42 -28.54
N PHE B 37 -38.54 15.39 -28.60
CA PHE B 37 -39.90 15.15 -29.08
C PHE B 37 -40.27 16.21 -30.12
N ARG B 38 -41.10 15.81 -31.08
CA ARG B 38 -41.38 16.66 -32.24
C ARG B 38 -42.69 17.43 -32.11
N ARG B 39 -43.81 16.72 -31.94
CA ARG B 39 -45.13 17.33 -31.94
C ARG B 39 -45.59 17.60 -30.52
N ALA B 40 -46.37 18.66 -30.35
CA ALA B 40 -46.91 19.04 -29.06
C ALA B 40 -47.91 18.01 -28.55
N GLY B 42 -52.39 18.93 -33.58
CA GLY B 42 -52.82 18.43 -32.28
C GLY B 42 -52.61 16.94 -32.11
N LYS B 43 -51.35 16.53 -32.01
CA LYS B 43 -51.00 15.13 -31.85
C LYS B 43 -50.13 14.96 -30.61
N GLU B 44 -50.19 13.77 -30.02
CA GLU B 44 -49.40 13.47 -28.84
C GLU B 44 -47.92 13.44 -29.20
N ARG B 45 -47.07 13.75 -28.21
CA ARG B 45 -45.63 13.79 -28.43
C ARG B 45 -45.12 12.42 -28.85
N GLU B 46 -44.25 12.41 -29.86
CA GLU B 46 -43.67 11.18 -30.39
C GLU B 46 -42.16 11.20 -30.18
N PHE B 47 -41.60 10.00 -30.00
CA PHE B 47 -40.16 9.87 -29.83
C PHE B 47 -39.43 10.27 -31.10
N VAL B 48 -38.26 10.90 -30.93
CA VAL B 48 -37.46 11.33 -32.07
C VAL B 48 -36.08 10.68 -31.99
N ALA B 49 -35.33 10.96 -30.92
CA ALA B 49 -34.01 10.41 -30.76
C ALA B 49 -33.59 10.57 -29.30
N ALA B 50 -32.84 9.60 -28.79
CA ALA B 50 -32.34 9.64 -27.43
C ALA B 50 -30.95 9.03 -27.36
N SER B 51 -30.19 9.43 -26.35
CA SER B 51 -28.84 8.94 -26.14
C SER B 51 -28.40 9.28 -24.73
N ARG B 52 -27.61 8.38 -24.14
CA ARG B 52 -27.06 8.63 -22.81
C ARG B 52 -25.96 9.68 -22.88
N TRP B 53 -25.74 10.36 -21.75
CA TRP B 53 -24.69 11.38 -21.69
C TRP B 53 -23.32 10.77 -21.88
N SER B 54 -23.09 9.58 -21.30
CA SER B 54 -21.79 8.93 -21.44
C SER B 54 -21.51 8.55 -22.89
N GLY B 55 -22.50 8.02 -23.59
CA GLY B 55 -22.30 7.62 -24.97
C GLY B 55 -23.53 6.93 -25.50
N GLY B 56 -23.42 6.45 -26.74
CA GLY B 56 -24.50 5.75 -27.41
C GLY B 56 -25.37 6.71 -28.21
N GLY B 57 -26.33 6.12 -28.93
CA GLY B 57 -27.26 6.88 -29.72
C GLY B 57 -28.32 6.02 -30.39
N THR B 58 -29.58 6.45 -30.31
CA THR B 58 -30.69 5.73 -30.90
C THR B 58 -31.54 6.68 -31.73
N ASP B 59 -31.91 6.25 -32.92
CA ASP B 59 -32.75 7.02 -33.82
C ASP B 59 -34.18 6.47 -33.78
N TYR B 60 -35.03 6.98 -34.67
CA TYR B 60 -36.44 6.58 -34.76
C TYR B 60 -37.16 6.77 -33.43
N LYS B 65 -32.84 6.69 -38.74
CA LYS B 65 -33.25 7.85 -39.54
C LYS B 65 -32.35 8.05 -40.74
N GLY B 66 -31.04 8.14 -40.50
CA GLY B 66 -30.08 8.38 -41.55
C GLY B 66 -29.91 9.84 -41.92
N ARG B 67 -30.65 10.75 -41.30
CA ARG B 67 -30.55 12.18 -41.58
C ARG B 67 -30.37 13.04 -40.34
N PHE B 68 -30.78 12.58 -39.16
CA PHE B 68 -30.63 13.33 -37.92
C PHE B 68 -29.62 12.60 -37.04
N THR B 69 -28.64 13.35 -36.54
CA THR B 69 -27.59 12.81 -35.68
C THR B 69 -27.60 13.54 -34.34
N PHE B 70 -27.14 12.83 -33.31
CA PHE B 70 -27.12 13.36 -31.95
C PHE B 70 -25.69 13.70 -31.56
N SER B 71 -25.49 14.93 -31.08
CA SER B 71 -24.17 15.40 -30.67
C SER B 71 -24.28 16.10 -29.32
N ARG B 72 -23.22 15.98 -28.53
CA ARG B 72 -23.13 16.61 -27.21
C ARG B 72 -21.79 17.30 -27.08
N ASP B 73 -21.55 17.87 -25.90
CA ASP B 73 -20.29 18.55 -25.61
C ASP B 73 -19.58 17.98 -24.39
N ASN B 74 -20.33 17.59 -23.36
CA ASN B 74 -19.85 16.95 -22.13
C ASN B 74 -18.96 17.84 -21.28
N THR B 75 -18.72 19.09 -21.69
CA THR B 75 -17.88 19.99 -20.89
C THR B 75 -18.57 21.33 -20.68
N ARG B 76 -19.45 21.72 -21.60
CA ARG B 76 -20.18 22.97 -21.50
C ARG B 76 -21.61 22.77 -21.04
N ASN B 77 -22.03 21.53 -20.82
CA ASN B 77 -23.42 21.19 -20.51
C ASN B 77 -24.36 21.73 -21.58
N THR B 78 -23.94 21.63 -22.83
CA THR B 78 -24.71 22.10 -23.97
C THR B 78 -24.81 20.96 -24.99
N MET B 79 -25.93 20.91 -25.69
CA MET B 79 -26.21 19.83 -26.63
C MET B 79 -26.82 20.42 -27.90
N CYS B 80 -26.67 19.69 -29.00
CA CYS B 80 -27.20 20.13 -30.29
C CYS B 80 -27.69 18.92 -31.06
N LEU B 81 -28.70 19.15 -31.90
CA LEU B 81 -29.24 18.12 -32.80
C LEU B 81 -29.60 18.83 -34.10
N GLU B 82 -28.67 18.82 -35.04
CA GLU B 82 -28.90 19.45 -36.33
C GLU B 82 -29.66 18.50 -37.26
N MET B 83 -30.52 19.07 -38.10
CA MET B 83 -31.37 18.32 -39.01
C MET B 83 -30.96 18.63 -40.44
N ASN B 84 -30.71 17.58 -41.22
CA ASN B 84 -30.34 17.73 -42.62
C ASN B 84 -31.58 17.55 -43.49
N SER B 85 -31.86 18.55 -44.32
CA SER B 85 -33.03 18.59 -45.21
C SER B 85 -34.33 18.67 -44.43
N LEU B 86 -35.37 19.24 -45.04
CA LEU B 86 -36.66 19.43 -44.38
C LEU B 86 -37.79 18.94 -45.29
N LYS B 87 -38.88 18.56 -44.64
CA LYS B 87 -40.12 18.18 -45.29
C LYS B 87 -41.26 18.89 -44.57
N PRO B 88 -42.40 19.12 -45.24
CA PRO B 88 -43.45 19.95 -44.62
C PRO B 88 -43.97 19.43 -43.30
N GLU B 89 -44.01 18.11 -43.10
CA GLU B 89 -44.61 17.53 -41.91
C GLU B 89 -43.63 17.36 -40.75
N ASP B 90 -42.40 17.85 -40.87
CA ASP B 90 -41.50 17.91 -39.73
C ASP B 90 -41.55 19.24 -38.97
N THR B 91 -42.42 20.15 -39.38
CA THR B 91 -42.53 21.45 -38.73
C THR B 91 -43.46 21.34 -37.53
N ALA B 92 -42.89 21.48 -36.33
CA ALA B 92 -43.66 21.37 -35.09
C ALA B 92 -42.84 21.99 -33.97
N VAL B 93 -43.41 21.99 -32.76
CA VAL B 93 -42.77 22.58 -31.59
C VAL B 93 -41.94 21.48 -30.92
N TYR B 94 -40.64 21.51 -31.14
CA TYR B 94 -39.75 20.52 -30.55
C TYR B 94 -39.59 20.77 -29.05
N TYR B 95 -39.39 19.68 -28.30
CA TYR B 95 -39.24 19.74 -26.86
C TYR B 95 -37.96 19.01 -26.43
N CYS B 96 -37.31 19.57 -25.42
CA CYS B 96 -36.12 18.98 -24.82
C CYS B 96 -36.49 18.41 -23.46
N ALA B 97 -36.28 17.11 -23.28
CA ALA B 97 -36.71 16.40 -22.08
C ALA B 97 -35.55 15.65 -21.45
N LEU B 98 -35.66 15.41 -20.15
CA LEU B 98 -34.66 14.69 -19.38
C LEU B 98 -35.33 13.60 -18.56
N ARG B 99 -34.70 12.42 -18.50
CA ARG B 99 -35.18 11.30 -17.71
C ARG B 99 -34.16 10.97 -16.63
N THR B 100 -34.63 10.89 -15.39
CA THR B 100 -33.76 10.58 -14.26
C THR B 100 -33.59 9.08 -14.12
N ALA B 101 -32.40 8.67 -13.68
CA ALA B 101 -32.08 7.26 -13.47
C ALA B 101 -32.23 6.84 -12.01
N ARG B 102 -32.74 7.72 -11.15
CA ARG B 102 -32.89 7.37 -9.74
C ARG B 102 -33.91 6.26 -9.55
N ASP B 103 -35.04 6.34 -10.25
CA ASP B 103 -36.08 5.33 -10.10
C ASP B 103 -35.63 3.98 -10.68
N SER B 104 -35.11 3.99 -11.90
CA SER B 104 -34.65 2.77 -12.55
C SER B 104 -33.67 3.13 -13.64
N TYR B 105 -32.89 2.13 -14.06
CA TYR B 105 -31.92 2.29 -15.15
C TYR B 105 -32.47 1.86 -16.50
N TYR B 106 -33.74 1.46 -16.56
CA TYR B 106 -34.33 1.01 -17.81
C TYR B 106 -34.48 2.17 -18.79
N TYR B 107 -34.34 1.87 -20.08
CA TYR B 107 -34.48 2.86 -21.14
C TYR B 107 -35.86 2.71 -21.77
N THR B 108 -36.67 3.76 -21.68
CA THR B 108 -38.02 3.77 -22.21
C THR B 108 -38.22 4.99 -23.09
N ARG B 109 -39.02 4.81 -24.15
CA ARG B 109 -39.38 5.89 -25.05
C ARG B 109 -40.69 6.57 -24.67
N ASN B 110 -41.32 6.13 -23.59
CA ASN B 110 -42.59 6.71 -23.18
C ASN B 110 -42.36 8.10 -22.58
N PRO B 111 -42.99 9.14 -23.11
CA PRO B 111 -42.78 10.49 -22.56
C PRO B 111 -43.25 10.64 -21.11
N THR B 112 -44.13 9.76 -20.63
CA THR B 112 -44.59 9.87 -19.25
C THR B 112 -43.45 9.65 -18.26
N GLY B 113 -42.42 8.89 -18.66
CA GLY B 113 -41.28 8.67 -17.79
C GLY B 113 -40.38 9.87 -17.64
N TYR B 114 -40.48 10.84 -18.56
CA TYR B 114 -39.66 12.05 -18.51
C TYR B 114 -40.36 13.07 -17.64
N ASP B 115 -39.94 13.14 -16.37
CA ASP B 115 -40.61 14.03 -15.42
C ASP B 115 -40.33 15.50 -15.72
N TYR B 116 -39.15 15.83 -16.20
CA TYR B 116 -38.75 17.20 -16.45
C TYR B 116 -38.83 17.52 -17.94
N TRP B 117 -39.33 18.71 -18.25
CA TRP B 117 -39.54 19.13 -19.63
C TRP B 117 -39.12 20.58 -19.79
N GLY B 118 -38.92 20.98 -21.04
CA GLY B 118 -38.54 22.35 -21.35
C GLY B 118 -39.49 22.96 -22.36
N GLN B 119 -39.57 24.29 -22.32
CA GLN B 119 -40.44 25.01 -23.22
C GLN B 119 -39.91 24.93 -24.66
N GLY B 120 -40.84 24.82 -25.61
CA GLY B 120 -40.46 24.75 -27.00
C GLY B 120 -40.14 26.09 -27.61
N THR B 121 -39.63 26.06 -28.83
CA THR B 121 -39.25 27.26 -29.57
C THR B 121 -39.94 27.39 -30.92
N GLN B 122 -40.10 26.29 -31.64
CA GLN B 122 -40.74 26.32 -32.95
C GLN B 122 -42.24 26.09 -32.84
N SER C 39 30.33 -13.45 9.57
CA SER C 39 28.97 -13.95 9.46
C SER C 39 28.00 -12.83 9.10
N ALA C 40 28.27 -11.62 9.60
CA ALA C 40 27.41 -10.49 9.30
C ALA C 40 27.44 -10.15 7.82
N VAL C 41 28.63 -10.20 7.20
CA VAL C 41 28.73 -9.90 5.77
C VAL C 41 27.96 -10.93 4.96
N TRP C 42 28.09 -12.21 5.30
CA TRP C 42 27.34 -13.25 4.60
C TRP C 42 25.84 -13.04 4.77
N GLY C 43 25.40 -12.71 5.99
CA GLY C 43 23.98 -12.52 6.22
C GLY C 43 23.41 -11.35 5.44
N ILE C 44 24.12 -10.22 5.45
CA ILE C 44 23.61 -9.05 4.75
C ILE C 44 23.64 -9.26 3.24
N SER C 45 24.68 -9.94 2.72
CA SER C 45 24.73 -10.23 1.30
C SER C 45 23.61 -11.16 0.88
N VAL C 46 23.35 -12.21 1.66
CA VAL C 46 22.26 -13.13 1.35
C VAL C 46 20.93 -12.41 1.38
N TYR C 47 20.70 -11.60 2.41
CA TYR C 47 19.46 -10.84 2.51
C TYR C 47 19.27 -9.93 1.30
N GLY C 48 20.33 -9.19 0.93
CA GLY C 48 20.22 -8.27 -0.19
C GLY C 48 19.93 -8.98 -1.49
N VAL C 49 20.68 -10.06 -1.79
CA VAL C 49 20.49 -10.74 -3.06
C VAL C 49 19.13 -11.42 -3.12
N PHE C 50 18.69 -12.02 -2.00
CA PHE C 50 17.41 -12.71 -1.99
C PHE C 50 16.25 -11.73 -2.16
N VAL C 51 16.27 -10.62 -1.42
CA VAL C 51 15.22 -9.62 -1.55
C VAL C 51 15.21 -9.02 -2.95
N LEU C 52 16.39 -8.71 -3.48
CA LEU C 52 16.47 -8.12 -4.82
C LEU C 52 15.94 -9.09 -5.88
N GLY C 53 16.29 -10.36 -5.78
CA GLY C 53 15.82 -11.33 -6.75
C GLY C 53 14.32 -11.51 -6.71
N PHE C 54 13.75 -11.64 -5.50
CA PHE C 54 12.31 -11.79 -5.38
C PHE C 54 11.59 -10.54 -5.87
N TYR C 55 12.11 -9.35 -5.54
CA TYR C 55 11.50 -8.11 -5.98
C TYR C 55 11.54 -7.99 -7.50
N ILE C 56 12.67 -8.35 -8.11
CA ILE C 56 12.79 -8.28 -9.56
C ILE C 56 11.83 -9.25 -10.23
N ALA C 57 11.69 -10.46 -9.67
CA ALA C 57 10.73 -11.42 -10.21
C ALA C 57 9.30 -10.87 -10.11
N GLN C 58 8.96 -10.25 -8.98
CA GLN C 58 7.63 -9.67 -8.83
C GLN C 58 7.39 -8.55 -9.83
N ILE C 59 8.40 -7.69 -10.06
CA ILE C 59 8.25 -6.61 -11.02
C ILE C 59 8.05 -7.17 -12.43
N VAL C 60 8.82 -8.19 -12.80
CA VAL C 60 8.69 -8.80 -14.11
C VAL C 60 7.30 -9.39 -14.29
N PHE C 61 6.80 -10.09 -13.26
CA PHE C 61 5.47 -10.68 -13.33
C PHE C 61 4.40 -9.61 -13.48
N SER C 62 4.50 -8.53 -12.70
CA SER C 62 3.52 -7.46 -12.77
C SER C 62 3.55 -6.78 -14.13
N GLU C 63 4.75 -6.55 -14.68
CA GLU C 63 4.85 -5.93 -15.99
C GLU C 63 4.24 -6.83 -17.07
N PHE C 64 4.49 -8.14 -17.00
CA PHE C 64 3.90 -9.04 -17.98
C PHE C 64 2.39 -9.06 -17.88
N ASN C 65 1.85 -9.07 -16.65
CA ASN C 65 0.40 -9.02 -16.47
C ASN C 65 -0.18 -7.73 -17.03
N ARG C 66 0.48 -6.60 -16.77
CA ARG C 66 0.01 -5.33 -17.30
C ARG C 66 0.04 -5.32 -18.82
N MET C 67 1.09 -5.88 -19.42
CA MET C 67 1.19 -5.91 -20.87
C MET C 67 0.08 -6.77 -21.48
N ARG C 68 -0.19 -7.94 -20.89
CA ARG C 68 -1.24 -8.78 -21.46
C ARG C 68 -2.61 -8.16 -21.27
N LEU C 69 -2.81 -7.47 -20.14
CA LEU C 69 -4.08 -6.78 -19.92
C LEU C 69 -4.27 -5.64 -20.92
N SER C 70 -3.20 -4.90 -21.21
CA SER C 70 -3.28 -3.85 -22.22
C SER C 70 -3.59 -4.43 -23.60
N ASP C 71 -2.95 -5.56 -23.93
CA ASP C 71 -3.23 -6.21 -25.20
C ASP C 71 -4.68 -6.66 -25.29
N TRP C 72 -5.22 -7.21 -24.20
CA TRP C 72 -6.63 -7.61 -24.18
C TRP C 72 -7.55 -6.42 -24.34
N ILE C 73 -7.23 -5.30 -23.66
CA ILE C 73 -8.09 -4.13 -23.71
C ILE C 73 -8.07 -3.50 -25.11
N SER C 74 -6.90 -3.49 -25.75
CA SER C 74 -6.78 -2.84 -27.05
C SER C 74 -7.64 -3.50 -28.13
N LEU C 75 -8.06 -4.75 -27.92
CA LEU C 75 -8.83 -5.47 -28.93
C LEU C 75 -10.34 -5.34 -28.74
N ARG C 76 -10.80 -4.74 -27.64
CA ARG C 76 -12.23 -4.65 -27.43
C ARG C 76 -12.85 -3.54 -28.28
N PRO C 77 -14.10 -3.71 -28.70
CA PRO C 77 -14.78 -2.65 -29.45
C PRO C 77 -15.25 -1.53 -28.54
N ASP C 78 -15.54 -0.39 -29.17
CA ASP C 78 -16.01 0.77 -28.42
C ASP C 78 -17.44 0.55 -27.94
N ASN C 79 -17.79 1.20 -26.84
CA ASN C 79 -19.12 1.12 -26.23
C ASN C 79 -19.50 -0.32 -25.93
N TRP C 80 -18.57 -1.08 -25.38
CA TRP C 80 -18.80 -2.49 -25.05
C TRP C 80 -19.57 -2.56 -23.74
N ASN C 81 -20.80 -3.06 -23.80
CA ASN C 81 -21.65 -3.23 -22.62
C ASN C 81 -22.37 -4.57 -22.67
N ALA C 82 -21.66 -5.61 -23.11
CA ALA C 82 -22.28 -6.93 -23.23
C ALA C 82 -22.63 -7.50 -21.86
N THR C 83 -21.76 -7.32 -20.87
CA THR C 83 -21.96 -7.89 -19.55
C THR C 83 -22.89 -7.00 -18.73
N ARG C 84 -23.92 -7.61 -18.15
CA ARG C 84 -24.87 -6.91 -17.28
C ARG C 84 -24.44 -7.14 -15.83
N VAL C 85 -24.24 -6.04 -15.10
CA VAL C 85 -23.72 -6.09 -13.73
C VAL C 85 -24.63 -5.29 -12.82
N ALA C 86 -24.56 -5.62 -11.52
CA ALA C 86 -25.31 -4.94 -10.48
C ALA C 86 -24.36 -4.52 -9.38
N VAL C 87 -24.56 -3.31 -8.86
CA VAL C 87 -23.70 -2.73 -7.83
C VAL C 87 -24.36 -2.93 -6.46
N ILE C 88 -23.58 -3.43 -5.51
CA ILE C 88 -24.06 -3.67 -4.15
C ILE C 88 -23.22 -2.84 -3.20
N ILE C 89 -23.90 -2.07 -2.33
CA ILE C 89 -23.24 -1.20 -1.38
C ILE C 89 -23.68 -1.60 0.02
N ALA C 90 -22.70 -1.81 0.91
CA ALA C 90 -22.97 -2.16 2.30
C ALA C 90 -22.16 -1.25 3.21
N GLY C 91 -22.78 -0.81 4.29
CA GLY C 91 -22.11 0.07 5.23
C GLY C 91 -22.86 0.13 6.54
N TYR C 92 -22.16 0.64 7.56
CA TYR C 92 -22.74 0.77 8.90
C TYR C 92 -22.06 1.92 9.61
N ARG C 93 -22.88 2.85 10.13
CA ARG C 93 -22.39 4.04 10.84
C ARG C 93 -21.41 4.83 9.97
N GLU C 94 -21.77 4.97 8.70
CA GLU C 94 -20.92 5.68 7.73
C GLU C 94 -21.25 7.16 7.74
N ASP C 95 -20.23 7.97 7.50
CA ASP C 95 -20.41 9.42 7.41
C ASP C 95 -21.38 9.75 6.29
N PRO C 96 -22.45 10.52 6.56
CA PRO C 96 -23.40 10.84 5.48
C PRO C 96 -22.76 11.53 4.29
N PHE C 97 -21.76 12.39 4.51
CA PHE C 97 -21.08 13.05 3.40
C PHE C 97 -20.37 12.03 2.53
N MET C 98 -19.63 11.10 3.15
CA MET C 98 -18.92 10.08 2.38
C MET C 98 -19.88 9.15 1.67
N PHE C 99 -20.99 8.79 2.32
CA PHE C 99 -21.98 7.93 1.67
C PHE C 99 -22.61 8.62 0.48
N LYS C 100 -22.95 9.91 0.61
CA LYS C 100 -23.50 10.65 -0.50
C LYS C 100 -22.49 10.76 -1.65
N LYS C 101 -21.22 10.99 -1.32
CA LYS C 101 -20.20 11.06 -2.37
C LYS C 101 -20.04 9.72 -3.08
N CYS C 102 -20.09 8.62 -2.32
CA CYS C 102 -20.03 7.30 -2.93
C CYS C 102 -21.22 7.06 -3.85
N LEU C 103 -22.42 7.45 -3.42
CA LEU C 103 -23.60 7.30 -4.27
C LEU C 103 -23.47 8.13 -5.53
N GLU C 104 -22.96 9.36 -5.42
CA GLU C 104 -22.76 10.20 -6.59
C GLU C 104 -21.74 9.59 -7.54
N SER C 105 -20.65 9.04 -7.00
CA SER C 105 -19.64 8.40 -7.84
C SER C 105 -20.21 7.19 -8.56
N VAL C 106 -21.07 6.42 -7.87
CA VAL C 106 -21.74 5.30 -8.53
C VAL C 106 -22.64 5.81 -9.64
N ARG C 107 -23.38 6.88 -9.38
CA ARG C 107 -24.26 7.46 -10.40
C ARG C 107 -23.48 8.10 -11.55
N ASP C 108 -22.21 8.42 -11.34
CA ASP C 108 -21.38 9.02 -12.38
C ASP C 108 -20.71 8.00 -13.29
N SER C 109 -20.95 6.71 -13.06
CA SER C 109 -20.33 5.68 -13.89
C SER C 109 -20.85 5.76 -15.32
N GLU C 110 -19.95 5.51 -16.28
CA GLU C 110 -20.29 5.56 -17.69
C GLU C 110 -20.75 4.23 -18.25
N TYR C 111 -20.86 3.19 -17.42
CA TYR C 111 -21.29 1.89 -17.90
C TYR C 111 -22.76 1.95 -18.31
N GLY C 112 -23.05 1.44 -19.50
CA GLY C 112 -24.40 1.52 -20.04
C GLY C 112 -25.20 0.24 -19.91
N ASN C 113 -24.75 -0.67 -19.07
CA ASN C 113 -25.42 -1.95 -18.84
C ASN C 113 -25.53 -2.23 -17.34
N VAL C 114 -25.96 -1.22 -16.59
CA VAL C 114 -26.15 -1.35 -15.15
C VAL C 114 -27.62 -1.68 -14.90
N ALA C 115 -27.87 -2.78 -14.20
CA ALA C 115 -29.24 -3.23 -13.97
C ALA C 115 -29.88 -2.47 -12.81
N ARG C 116 -29.30 -2.59 -11.62
CA ARG C 116 -29.88 -1.98 -10.43
C ARG C 116 -28.79 -1.77 -9.40
N LEU C 117 -29.11 -0.97 -8.39
CA LEU C 117 -28.21 -0.71 -7.27
C LEU C 117 -28.84 -1.27 -6.00
N ILE C 118 -28.04 -2.02 -5.23
CA ILE C 118 -28.50 -2.65 -4.00
C ILE C 118 -27.79 -1.98 -2.84
N CYS C 119 -28.56 -1.40 -1.91
CA CYS C 119 -28.01 -0.77 -0.72
C CYS C 119 -28.57 -1.50 0.50
N VAL C 120 -27.68 -1.99 1.36
CA VAL C 120 -28.04 -2.72 2.57
C VAL C 120 -27.38 -2.04 3.76
N ILE C 121 -28.17 -1.74 4.79
CA ILE C 121 -27.68 -1.11 6.01
C ILE C 121 -27.83 -2.11 7.15
N ASP C 122 -26.73 -2.36 7.85
CA ASP C 122 -26.72 -3.32 8.96
C ASP C 122 -27.27 -2.65 10.22
N GLY C 123 -28.58 -2.37 10.19
CA GLY C 123 -29.25 -1.76 11.31
C GLY C 123 -30.61 -1.20 10.96
N ASP C 124 -31.51 -1.17 11.94
CA ASP C 124 -32.87 -0.66 11.74
C ASP C 124 -33.28 0.23 12.90
N GLU C 125 -32.37 1.09 13.35
CA GLU C 125 -32.62 1.99 14.46
C GLU C 125 -32.77 3.43 13.95
N GLU C 126 -33.01 4.35 14.88
CA GLU C 126 -33.18 5.74 14.51
C GLU C 126 -31.91 6.33 13.91
N GLU C 127 -30.75 5.99 14.49
CA GLU C 127 -29.48 6.47 13.95
C GLU C 127 -29.19 5.88 12.58
N ASP C 128 -29.66 4.67 12.30
CA ASP C 128 -29.43 4.03 11.01
C ASP C 128 -30.26 4.62 9.89
N LEU C 129 -31.26 5.46 10.21
CA LEU C 129 -32.10 6.05 9.19
C LEU C 129 -31.46 7.24 8.49
N LYS C 130 -30.37 7.78 9.02
CA LYS C 130 -29.69 8.89 8.36
C LYS C 130 -29.14 8.47 7.00
N MET C 131 -28.55 7.28 6.92
CA MET C 131 -28.05 6.78 5.64
C MET C 131 -29.20 6.53 4.66
N ALA C 132 -30.34 6.04 5.16
CA ALA C 132 -31.50 5.84 4.30
C ALA C 132 -32.01 7.17 3.75
N GLU C 133 -32.06 8.20 4.60
CA GLU C 133 -32.47 9.52 4.12
C GLU C 133 -31.48 10.08 3.11
N ILE C 134 -30.19 9.86 3.33
CA ILE C 134 -29.18 10.29 2.35
C ILE C 134 -29.39 9.57 1.03
N TYR C 135 -29.70 8.27 1.08
CA TYR C 135 -29.97 7.52 -0.14
C TYR C 135 -31.19 8.06 -0.87
N LYS C 136 -32.23 8.47 -0.12
CA LYS C 136 -33.42 9.02 -0.75
C LYS C 136 -33.13 10.33 -1.45
N GLN C 137 -32.14 11.09 -0.99
CA GLN C 137 -31.79 12.34 -1.65
C GLN C 137 -31.10 12.09 -2.99
N VAL C 138 -30.31 11.01 -3.08
CA VAL C 138 -29.56 10.75 -4.29
C VAL C 138 -30.29 9.78 -5.23
N TYR C 139 -31.13 8.91 -4.71
CA TYR C 139 -31.79 7.88 -5.50
C TYR C 139 -33.28 7.87 -5.14
N ASN C 140 -33.97 6.83 -5.60
CA ASN C 140 -35.41 6.74 -5.39
C ASN C 140 -35.73 6.49 -3.90
N ASP C 141 -37.00 6.68 -3.57
CA ASP C 141 -37.47 6.53 -2.19
C ASP C 141 -37.94 5.11 -1.88
N ASN C 142 -37.48 4.12 -2.66
CA ASN C 142 -37.86 2.73 -2.44
C ASN C 142 -36.97 2.14 -1.35
N VAL C 143 -37.34 2.41 -0.11
CA VAL C 143 -36.63 1.96 1.06
C VAL C 143 -37.49 0.94 1.79
N LYS C 144 -36.91 -0.24 2.05
CA LYS C 144 -37.61 -1.33 2.71
C LYS C 144 -36.98 -1.59 4.08
N LYS C 145 -37.81 -1.93 5.06
CA LYS C 145 -37.36 -2.20 6.42
C LYS C 145 -37.92 -3.54 6.86
N PRO C 146 -37.35 -4.64 6.37
CA PRO C 146 -37.83 -5.97 6.78
C PRO C 146 -37.50 -6.25 8.23
N GLY C 147 -38.39 -7.02 8.87
CA GLY C 147 -38.22 -7.41 10.25
C GLY C 147 -37.46 -8.70 10.48
N VAL C 148 -36.96 -9.33 9.42
CA VAL C 148 -36.26 -10.60 9.52
C VAL C 148 -34.95 -10.50 8.76
N VAL C 149 -34.05 -11.44 9.06
CA VAL C 149 -32.74 -11.53 8.41
C VAL C 149 -32.75 -12.75 7.50
N LEU C 150 -32.30 -12.55 6.25
CA LEU C 150 -32.29 -13.65 5.28
C LEU C 150 -31.36 -14.78 5.73
N CYS C 151 -30.23 -14.46 6.34
CA CYS C 151 -29.30 -15.49 6.81
C CYS C 151 -29.89 -16.33 7.93
N GLU C 152 -30.89 -15.82 8.64
CA GLU C 152 -31.50 -16.53 9.77
C GLU C 152 -32.95 -16.90 9.48
N SER C 153 -33.36 -16.91 8.22
CA SER C 153 -34.73 -17.23 7.83
C SER C 153 -34.78 -18.56 7.09
N GLU C 154 -35.91 -19.24 7.18
CA GLU C 154 -36.09 -20.51 6.49
C GLU C 154 -36.00 -20.33 4.97
N ASN C 155 -36.63 -19.28 4.45
CA ASN C 155 -36.60 -18.98 3.02
C ASN C 155 -35.58 -17.86 2.80
N LYS C 156 -34.44 -18.21 2.22
CA LYS C 156 -33.37 -17.25 1.98
C LYS C 156 -33.48 -16.55 0.64
N ASN C 157 -34.50 -16.88 -0.16
CA ASN C 157 -34.65 -16.24 -1.46
C ASN C 157 -34.99 -14.76 -1.30
N GLY C 158 -34.51 -13.96 -2.25
CA GLY C 158 -34.74 -12.52 -2.22
C GLY C 158 -36.13 -12.08 -2.61
N SER C 159 -36.95 -12.99 -3.15
CA SER C 159 -38.31 -12.63 -3.54
C SER C 159 -39.22 -12.42 -2.33
N THR C 160 -38.79 -12.85 -1.14
CA THR C 160 -39.61 -12.68 0.05
C THR C 160 -39.70 -11.20 0.44
N ILE C 161 -38.62 -10.45 0.25
CA ILE C 161 -38.56 -9.04 0.64
C ILE C 161 -38.62 -8.10 -0.56
N ASP C 162 -38.49 -8.60 -1.78
CA ASP C 162 -38.51 -7.78 -2.97
C ASP C 162 -39.49 -8.35 -3.99
N SER C 163 -40.13 -7.46 -4.74
CA SER C 163 -41.12 -7.85 -5.75
C SER C 163 -40.76 -7.36 -7.14
N ASP C 164 -40.25 -6.13 -7.26
CA ASP C 164 -39.90 -5.54 -8.55
C ASP C 164 -38.39 -5.48 -8.67
N VAL C 165 -37.86 -5.95 -9.81
CA VAL C 165 -36.41 -5.97 -10.02
C VAL C 165 -35.91 -4.76 -10.79
N SER C 166 -36.78 -4.03 -11.47
CA SER C 166 -36.33 -2.88 -12.25
C SER C 166 -35.98 -1.70 -11.34
N LYS C 167 -36.78 -1.47 -10.30
CA LYS C 167 -36.56 -0.34 -9.41
C LYS C 167 -35.44 -0.62 -8.43
N ASN C 168 -34.62 0.39 -8.15
CA ASN C 168 -33.60 0.27 -7.13
C ASN C 168 -34.24 0.14 -5.76
N ILE C 169 -33.64 -0.67 -4.89
CA ILE C 169 -34.21 -0.97 -3.59
C ILE C 169 -33.19 -0.64 -2.50
N CYS C 170 -33.71 -0.23 -1.34
CA CYS C 170 -32.89 0.01 -0.16
C CYS C 170 -33.42 -0.86 0.97
N ILE C 171 -32.52 -1.57 1.64
CA ILE C 171 -32.88 -2.54 2.67
C ILE C 171 -32.26 -2.10 3.99
N LEU C 172 -33.09 -2.04 5.03
CA LEU C 172 -32.63 -1.78 6.40
C LEU C 172 -32.83 -3.07 7.19
N GLN C 173 -31.85 -3.95 7.12
CA GLN C 173 -31.91 -5.22 7.82
C GLN C 173 -31.53 -5.05 9.29
N PRO C 174 -31.97 -5.96 10.16
CA PRO C 174 -31.54 -5.90 11.56
C PRO C 174 -30.03 -6.02 11.67
N HIS C 175 -29.47 -5.30 12.64
CA HIS C 175 -28.02 -5.21 12.81
C HIS C 175 -27.47 -6.57 13.24
N ARG C 176 -26.83 -7.27 12.31
CA ARG C 176 -26.19 -8.56 12.58
C ARG C 176 -24.71 -8.54 12.29
N GLY C 177 -24.30 -8.04 11.14
CA GLY C 177 -22.90 -7.99 10.79
C GLY C 177 -22.72 -7.67 9.32
N LYS C 178 -21.46 -7.45 8.95
CA LYS C 178 -21.14 -7.13 7.56
C LYS C 178 -21.42 -8.32 6.64
N ARG C 179 -21.09 -9.53 7.09
CA ARG C 179 -21.28 -10.71 6.25
C ARG C 179 -22.76 -10.93 5.93
N GLU C 180 -23.63 -10.69 6.90
CA GLU C 180 -25.07 -10.85 6.66
C GLU C 180 -25.56 -9.85 5.63
N SER C 181 -25.03 -8.63 5.64
CA SER C 181 -25.45 -7.62 4.68
C SER C 181 -25.11 -8.03 3.24
N LEU C 182 -23.93 -8.61 3.04
CA LEU C 182 -23.52 -9.01 1.69
C LEU C 182 -24.39 -10.13 1.15
N TYR C 183 -24.82 -11.05 2.02
CA TYR C 183 -25.66 -12.15 1.57
C TYR C 183 -27.00 -11.66 1.07
N THR C 184 -27.58 -10.66 1.74
CA THR C 184 -28.84 -10.09 1.27
C THR C 184 -28.68 -9.44 -0.10
N GLY C 185 -27.57 -8.72 -0.31
CA GLY C 185 -27.31 -8.15 -1.61
C GLY C 185 -27.13 -9.21 -2.70
N PHE C 186 -26.44 -10.30 -2.35
CA PHE C 186 -26.28 -11.40 -3.29
C PHE C 186 -27.63 -12.01 -3.66
N GLN C 187 -28.50 -12.21 -2.66
CA GLN C 187 -29.82 -12.77 -2.93
C GLN C 187 -30.65 -11.82 -3.78
N LEU C 188 -30.57 -10.51 -3.51
CA LEU C 188 -31.31 -9.54 -4.32
C LEU C 188 -30.80 -9.52 -5.75
N ALA C 189 -29.49 -9.67 -5.95
CA ALA C 189 -28.94 -9.72 -7.29
C ALA C 189 -29.22 -11.04 -7.99
N SER C 190 -29.30 -12.13 -7.21
CA SER C 190 -29.48 -13.45 -7.81
C SER C 190 -30.90 -13.67 -8.31
N MET C 191 -31.88 -13.00 -7.71
CA MET C 191 -33.27 -13.21 -8.11
C MET C 191 -33.57 -12.71 -9.51
N ASP C 192 -32.70 -11.88 -10.08
CA ASP C 192 -32.87 -11.40 -11.45
C ASP C 192 -31.96 -12.19 -12.36
N PRO C 193 -32.49 -13.03 -13.27
CA PRO C 193 -31.63 -13.82 -14.16
C PRO C 193 -30.95 -12.99 -15.25
N SER C 194 -31.34 -11.74 -15.44
CA SER C 194 -30.74 -10.93 -16.49
C SER C 194 -29.27 -10.62 -16.21
N VAL C 195 -28.93 -10.38 -14.94
CA VAL C 195 -27.56 -10.02 -14.59
C VAL C 195 -26.64 -11.23 -14.75
N HIS C 196 -25.36 -10.95 -15.01
CA HIS C 196 -24.35 -11.98 -15.14
C HIS C 196 -23.18 -11.81 -14.17
N ALA C 197 -23.05 -10.67 -13.52
CA ALA C 197 -21.97 -10.42 -12.59
C ALA C 197 -22.41 -9.35 -11.60
N VAL C 198 -21.67 -9.24 -10.50
CA VAL C 198 -21.95 -8.26 -9.46
C VAL C 198 -20.68 -7.48 -9.15
N VAL C 199 -20.86 -6.25 -8.68
CA VAL C 199 -19.76 -5.38 -8.29
C VAL C 199 -19.92 -5.05 -6.81
N LEU C 200 -18.87 -5.31 -6.03
CA LEU C 200 -18.91 -5.13 -4.59
C LEU C 200 -18.00 -3.96 -4.22
N ILE C 201 -18.58 -2.94 -3.57
CA ILE C 201 -17.83 -1.77 -3.12
C ILE C 201 -18.26 -1.44 -1.70
N ASP C 202 -17.43 -0.64 -1.03
CA ASP C 202 -17.72 -0.19 0.32
C ASP C 202 -18.48 1.13 0.30
N SER C 203 -19.03 1.49 1.46
CA SER C 203 -19.83 2.71 1.56
C SER C 203 -18.99 3.98 1.44
N ASP C 204 -17.68 3.89 1.63
CA ASP C 204 -16.79 5.04 1.53
C ASP C 204 -15.95 5.04 0.26
N THR C 205 -16.25 4.14 -0.68
CA THR C 205 -15.46 4.03 -1.89
C THR C 205 -15.91 5.05 -2.93
N VAL C 206 -14.94 5.71 -3.55
CA VAL C 206 -15.19 6.65 -4.64
C VAL C 206 -14.74 5.99 -5.93
N LEU C 207 -15.66 5.84 -6.88
CA LEU C 207 -15.42 5.12 -8.12
C LEU C 207 -15.31 6.10 -9.29
N GLU C 208 -14.37 5.83 -10.18
CA GLU C 208 -14.23 6.62 -11.39
C GLU C 208 -15.31 6.25 -12.40
N LYS C 209 -15.41 7.06 -13.46
CA LYS C 209 -16.43 6.83 -14.47
C LYS C 209 -16.22 5.50 -15.19
N ASN C 210 -14.97 5.16 -15.49
CA ASN C 210 -14.63 3.94 -16.21
C ASN C 210 -14.24 2.80 -15.29
N ALA C 211 -14.37 2.98 -13.97
CA ALA C 211 -13.97 1.94 -13.03
C ALA C 211 -14.80 0.68 -13.18
N ILE C 212 -16.11 0.84 -13.38
CA ILE C 212 -17.00 -0.33 -13.49
C ILE C 212 -16.69 -1.12 -14.75
N LEU C 213 -16.48 -0.43 -15.88
CA LEU C 213 -16.21 -1.13 -17.13
C LEU C 213 -14.91 -1.92 -17.07
N GLU C 214 -13.86 -1.32 -16.48
CA GLU C 214 -12.56 -1.96 -16.45
C GLU C 214 -12.56 -3.23 -15.59
N VAL C 215 -13.28 -3.20 -14.47
CA VAL C 215 -13.26 -4.34 -13.56
C VAL C 215 -14.08 -5.51 -14.11
N VAL C 216 -15.07 -5.23 -14.96
CA VAL C 216 -15.93 -6.27 -15.50
C VAL C 216 -15.53 -6.71 -16.90
N TYR C 217 -14.66 -5.97 -17.58
CA TYR C 217 -14.26 -6.35 -18.94
C TYR C 217 -13.54 -7.69 -19.00
N PRO C 218 -12.53 -7.99 -18.17
CA PRO C 218 -11.77 -9.25 -18.35
C PRO C 218 -12.58 -10.50 -18.03
N LEU C 219 -13.79 -10.37 -17.48
CA LEU C 219 -14.60 -11.56 -17.21
C LEU C 219 -14.96 -12.29 -18.50
N SER C 220 -15.33 -11.54 -19.53
CA SER C 220 -15.70 -12.16 -20.81
C SER C 220 -14.48 -12.60 -21.62
N CYS C 221 -13.30 -12.08 -21.32
CA CYS C 221 -12.10 -12.44 -22.08
C CYS C 221 -11.76 -13.92 -21.91
N ASP C 222 -11.86 -14.43 -20.68
CA ASP C 222 -11.55 -15.82 -20.39
C ASP C 222 -12.69 -16.41 -19.59
N PRO C 223 -13.34 -17.48 -20.06
CA PRO C 223 -14.43 -18.09 -19.29
C PRO C 223 -14.00 -18.65 -17.95
N ASN C 224 -12.71 -18.95 -17.78
CA ASN C 224 -12.21 -19.46 -16.51
C ASN C 224 -12.12 -18.38 -15.44
N ILE C 225 -12.25 -17.11 -15.80
CA ILE C 225 -12.17 -16.01 -14.84
C ILE C 225 -13.54 -15.82 -14.20
N LYS C 226 -13.58 -15.90 -12.88
CA LYS C 226 -14.83 -15.73 -12.13
C LYS C 226 -14.81 -14.54 -11.19
N ALA C 227 -13.66 -13.89 -10.99
CA ALA C 227 -13.57 -12.74 -10.10
C ALA C 227 -12.44 -11.84 -10.59
N VAL C 228 -12.62 -10.54 -10.37
CA VAL C 228 -11.63 -9.53 -10.77
C VAL C 228 -11.45 -8.56 -9.61
N ALA C 229 -10.20 -8.24 -9.29
CA ALA C 229 -9.88 -7.29 -8.24
C ALA C 229 -9.62 -5.91 -8.82
N GLY C 230 -9.95 -4.88 -8.05
CA GLY C 230 -9.77 -3.50 -8.48
C GLY C 230 -8.76 -2.79 -7.59
N GLU C 231 -8.01 -1.88 -8.21
CA GLU C 231 -7.00 -1.12 -7.49
C GLU C 231 -7.64 -0.09 -6.57
N CYS C 232 -7.06 0.07 -5.39
CA CYS C 232 -7.56 0.99 -4.37
C CYS C 232 -6.51 2.04 -4.05
N LYS C 233 -6.93 3.29 -3.94
CA LYS C 233 -6.04 4.39 -3.60
C LYS C 233 -6.57 5.12 -2.37
N ILE C 234 -5.65 5.80 -1.67
CA ILE C 234 -5.98 6.53 -0.46
C ILE C 234 -6.03 8.01 -0.81
N TRP C 235 -7.20 8.62 -0.69
CA TRP C 235 -7.37 10.01 -1.09
C TRP C 235 -6.79 10.97 -0.06
N ASN C 236 -6.91 10.67 1.22
CA ASN C 236 -6.44 11.57 2.28
C ASN C 236 -4.98 11.28 2.57
N THR C 237 -4.14 12.30 2.39
CA THR C 237 -2.70 12.22 2.63
C THR C 237 -2.23 13.42 3.44
N ASP C 238 -3.02 13.82 4.43
CA ASP C 238 -2.69 14.96 5.28
C ASP C 238 -1.96 14.56 6.55
N THR C 239 -1.63 13.27 6.71
CA THR C 239 -0.97 12.77 7.90
C THR C 239 0.29 12.01 7.48
N ILE C 240 1.29 12.00 8.36
CA ILE C 240 2.54 11.31 8.08
C ILE C 240 2.27 9.83 7.84
N LEU C 241 1.45 9.21 8.70
CA LEU C 241 1.11 7.81 8.53
C LEU C 241 0.25 7.59 7.28
N SER C 242 -0.62 8.56 6.96
CA SER C 242 -1.54 8.37 5.84
C SER C 242 -0.80 8.25 4.52
N MET C 243 0.19 9.10 4.27
CA MET C 243 0.95 9.01 3.03
C MET C 243 1.74 7.70 2.96
N LEU C 244 2.33 7.28 4.07
CA LEU C 244 3.10 6.04 4.09
C LEU C 244 2.21 4.85 3.77
N VAL C 245 1.03 4.78 4.40
CA VAL C 245 0.15 3.64 4.14
C VAL C 245 -0.43 3.72 2.73
N SER C 246 -0.66 4.93 2.21
CA SER C 246 -1.13 5.07 0.83
C SER C 246 -0.11 4.52 -0.15
N TRP C 247 1.16 4.91 0.01
CA TRP C 247 2.20 4.42 -0.88
C TRP C 247 2.42 2.92 -0.70
N ARG C 248 2.31 2.42 0.54
CA ARG C 248 2.44 0.99 0.76
C ARG C 248 1.33 0.22 0.04
N TYR C 249 0.09 0.70 0.14
CA TYR C 249 -1.02 0.06 -0.56
C TYR C 249 -0.82 0.11 -2.07
N PHE C 250 -0.38 1.26 -2.59
CA PHE C 250 -0.16 1.38 -4.03
C PHE C 250 0.90 0.40 -4.50
N SER C 251 2.03 0.34 -3.81
CA SER C 251 3.10 -0.58 -4.17
C SER C 251 2.63 -2.03 -4.06
N ALA C 252 1.87 -2.35 -3.01
CA ALA C 252 1.35 -3.70 -2.85
C ALA C 252 0.48 -4.10 -4.03
N PHE C 253 -0.49 -3.25 -4.37
CA PHE C 253 -1.37 -3.53 -5.51
C PHE C 253 -0.56 -3.69 -6.79
N ASN C 254 0.49 -2.89 -6.95
CA ASN C 254 1.29 -3.00 -8.17
C ASN C 254 2.04 -4.31 -8.25
N VAL C 255 2.71 -4.71 -7.16
CA VAL C 255 3.64 -5.84 -7.29
C VAL C 255 3.03 -7.17 -6.85
N GLU C 256 2.53 -7.29 -5.61
CA GLU C 256 2.09 -8.61 -5.19
C GLU C 256 0.81 -9.03 -5.91
N ARG C 257 -0.18 -8.14 -5.97
CA ARG C 257 -1.43 -8.49 -6.66
C ARG C 257 -1.20 -8.65 -8.16
N GLY C 258 -0.28 -7.87 -8.73
CA GLY C 258 0.06 -8.05 -10.13
C GLY C 258 0.69 -9.40 -10.41
N ALA C 259 1.65 -9.81 -9.57
CA ALA C 259 2.27 -11.12 -9.74
C ALA C 259 1.26 -12.25 -9.54
N GLN C 260 0.38 -12.11 -8.56
CA GLN C 260 -0.66 -13.11 -8.36
C GLN C 260 -1.62 -13.17 -9.53
N SER C 261 -1.96 -12.01 -10.11
CA SER C 261 -2.85 -11.99 -11.26
C SER C 261 -2.19 -12.56 -12.50
N LEU C 262 -0.85 -12.49 -12.58
CA LEU C 262 -0.17 -13.10 -13.72
C LEU C 262 -0.44 -14.60 -13.80
N TRP C 263 -0.39 -15.28 -12.65
CA TRP C 263 -0.75 -16.69 -12.58
C TRP C 263 -2.23 -16.91 -12.30
N LYS C 264 -3.01 -15.84 -12.15
CA LYS C 264 -4.46 -15.89 -12.00
C LYS C 264 -4.86 -16.63 -10.72
N THR C 265 -4.20 -16.28 -9.61
CA THR C 265 -4.48 -16.89 -8.31
C THR C 265 -4.52 -15.81 -7.24
N VAL C 266 -5.27 -14.74 -7.49
CA VAL C 266 -5.38 -13.65 -6.54
C VAL C 266 -6.22 -14.08 -5.33
N GLN C 267 -5.83 -13.62 -4.14
CA GLN C 267 -6.54 -13.94 -2.92
C GLN C 267 -7.32 -12.78 -2.33
N CYS C 268 -6.97 -11.54 -2.68
CA CYS C 268 -7.63 -10.35 -2.14
C CYS C 268 -8.54 -9.79 -3.23
N VAL C 269 -9.77 -10.30 -3.28
CA VAL C 269 -10.77 -9.86 -4.24
C VAL C 269 -12.06 -9.57 -3.49
N GLY C 270 -12.62 -8.37 -3.72
CA GLY C 270 -13.82 -7.96 -3.04
C GLY C 270 -13.84 -6.46 -2.81
N GLY C 271 -14.11 -6.04 -1.57
CA GLY C 271 -14.06 -4.63 -1.23
C GLY C 271 -12.64 -4.12 -1.24
N PRO C 272 -12.47 -2.80 -1.49
CA PRO C 272 -13.55 -1.86 -1.77
C PRO C 272 -13.90 -1.75 -3.26
N LEU C 273 -13.25 -2.57 -4.09
CA LEU C 273 -13.52 -2.55 -5.53
C LEU C 273 -13.20 -3.93 -6.09
N GLY C 274 -14.22 -4.63 -6.58
CA GLY C 274 -14.04 -5.95 -7.12
C GLY C 274 -15.26 -6.39 -7.88
N ALA C 275 -15.12 -7.52 -8.57
CA ALA C 275 -16.19 -8.09 -9.37
C ALA C 275 -16.32 -9.58 -9.11
N TYR C 276 -17.53 -10.10 -9.26
CA TYR C 276 -17.81 -11.51 -9.06
C TYR C 276 -18.90 -11.95 -10.03
N THR C 277 -18.71 -13.12 -10.64
CA THR C 277 -19.74 -13.68 -11.50
C THR C 277 -20.88 -14.25 -10.67
N ILE C 278 -22.06 -14.31 -11.28
CA ILE C 278 -23.26 -14.72 -10.55
C ILE C 278 -23.20 -16.21 -10.18
N ASP C 279 -22.66 -17.03 -11.07
CA ASP C 279 -22.67 -18.47 -10.83
C ASP C 279 -21.83 -18.85 -9.63
N ILE C 280 -20.63 -18.27 -9.49
CA ILE C 280 -19.74 -18.67 -8.41
C ILE C 280 -20.30 -18.20 -7.06
N ILE C 281 -20.87 -16.99 -7.01
CA ILE C 281 -21.43 -16.52 -5.75
C ILE C 281 -22.67 -17.31 -5.39
N ASN C 282 -23.49 -17.67 -6.38
CA ASN C 282 -24.64 -18.52 -6.11
C ASN C 282 -24.20 -19.88 -5.57
N GLU C 283 -23.09 -20.41 -6.09
CA GLU C 283 -22.60 -21.70 -5.64
C GLU C 283 -22.03 -21.64 -4.23
N ILE C 284 -21.32 -20.57 -3.90
CA ILE C 284 -20.54 -20.52 -2.66
C ILE C 284 -21.13 -19.62 -1.59
N LYS C 285 -22.34 -19.09 -1.79
CA LYS C 285 -22.93 -18.24 -0.76
C LYS C 285 -23.19 -19.02 0.53
N ASP C 286 -23.73 -20.23 0.42
CA ASP C 286 -24.01 -21.02 1.63
C ASP C 286 -22.75 -21.40 2.39
N PRO C 287 -21.70 -21.95 1.77
CA PRO C 287 -20.47 -22.24 2.55
C PRO C 287 -19.85 -21.01 3.17
N TRP C 288 -19.92 -19.86 2.51
CA TRP C 288 -19.34 -18.64 3.06
C TRP C 288 -20.05 -18.19 4.32
N ILE C 289 -21.38 -18.30 4.34
CA ILE C 289 -22.15 -17.84 5.50
C ILE C 289 -22.28 -18.89 6.58
N THR C 290 -22.09 -20.17 6.27
CA THR C 290 -22.16 -21.20 7.30
C THR C 290 -20.88 -21.33 8.11
N GLN C 291 -19.81 -20.65 7.71
CA GLN C 291 -18.57 -20.69 8.47
C GLN C 291 -18.70 -19.88 9.76
N THR C 292 -17.86 -20.24 10.73
CA THR C 292 -17.84 -19.54 12.02
C THR C 292 -16.94 -18.32 11.92
N PHE C 293 -17.46 -17.17 12.34
CA PHE C 293 -16.74 -15.90 12.23
C PHE C 293 -16.48 -15.35 13.63
N LEU C 294 -15.21 -15.08 13.92
CA LEU C 294 -14.84 -14.45 15.18
C LEU C 294 -13.76 -13.38 15.01
N GLY C 295 -13.50 -12.94 13.78
CA GLY C 295 -12.41 -11.98 13.57
C GLY C 295 -12.69 -10.63 14.19
N ASN C 296 -13.91 -10.13 14.06
CA ASN C 296 -14.27 -8.81 14.57
C ASN C 296 -15.76 -8.77 14.84
N LYS C 297 -16.18 -7.75 15.57
CA LYS C 297 -17.57 -7.59 15.99
C LYS C 297 -18.29 -6.63 15.06
N CYS C 298 -19.42 -7.08 14.51
CA CYS C 298 -20.36 -6.27 13.71
C CYS C 298 -19.67 -5.49 12.60
N THR C 299 -18.55 -5.98 12.10
CA THR C 299 -17.83 -5.34 10.99
C THR C 299 -16.80 -6.35 10.48
N TYR C 300 -15.98 -5.91 9.51
CA TYR C 300 -14.89 -6.69 8.94
C TYR C 300 -15.41 -8.01 8.36
N GLY C 301 -16.19 -7.85 7.28
CA GLY C 301 -16.67 -9.02 6.56
C GLY C 301 -15.54 -9.84 5.99
N ASP C 302 -15.82 -11.13 5.80
CA ASP C 302 -14.79 -12.07 5.37
C ASP C 302 -14.45 -11.86 3.90
N ASN C 303 -13.53 -10.94 3.61
CA ASN C 303 -13.18 -10.63 2.23
C ASN C 303 -12.35 -11.75 1.61
N ARG C 304 -11.34 -12.24 2.33
CA ARG C 304 -10.44 -13.24 1.75
C ARG C 304 -11.06 -14.62 1.71
N ARG C 305 -11.99 -14.92 2.62
CA ARG C 305 -12.58 -16.27 2.66
C ARG C 305 -13.41 -16.56 1.43
N LEU C 306 -14.14 -15.57 0.91
CA LEU C 306 -14.90 -15.78 -0.32
C LEU C 306 -13.97 -16.10 -1.49
N THR C 307 -12.87 -15.34 -1.61
CA THR C 307 -11.91 -15.60 -2.67
C THR C 307 -11.25 -16.96 -2.51
N ASN C 308 -10.96 -17.37 -1.27
CA ASN C 308 -10.43 -18.71 -1.04
C ASN C 308 -11.44 -19.79 -1.44
N GLU C 309 -12.72 -19.56 -1.16
CA GLU C 309 -13.76 -20.50 -1.59
C GLU C 309 -13.79 -20.61 -3.10
N VAL C 310 -13.65 -19.48 -3.80
CA VAL C 310 -13.57 -19.52 -5.26
C VAL C 310 -12.33 -20.31 -5.70
N LEU C 311 -11.19 -20.07 -5.04
CA LEU C 311 -9.94 -20.69 -5.47
C LEU C 311 -9.95 -22.19 -5.27
N MET C 312 -10.55 -22.68 -4.18
CA MET C 312 -10.56 -24.11 -3.90
C MET C 312 -11.37 -24.89 -4.94
N ARG C 313 -12.18 -24.22 -5.74
CA ARG C 313 -12.92 -24.87 -6.81
C ARG C 313 -12.17 -24.86 -8.14
N GLY C 314 -10.94 -24.35 -8.16
CA GLY C 314 -10.14 -24.36 -9.37
C GLY C 314 -10.50 -23.30 -10.38
N LYS C 315 -11.00 -22.15 -9.94
CA LYS C 315 -11.38 -21.06 -10.84
C LYS C 315 -10.32 -19.97 -10.79
N LYS C 316 -9.85 -19.56 -11.96
CA LYS C 316 -8.81 -18.53 -12.05
C LYS C 316 -9.39 -17.16 -11.75
N ILE C 317 -8.59 -16.34 -11.06
CA ILE C 317 -9.01 -14.99 -10.66
C ILE C 317 -7.90 -14.02 -11.04
N VAL C 318 -8.26 -12.97 -11.79
CA VAL C 318 -7.30 -11.98 -12.25
C VAL C 318 -7.53 -10.66 -11.50
N TYR C 319 -6.57 -9.75 -11.66
CA TYR C 319 -6.64 -8.42 -11.07
C TYR C 319 -6.23 -7.39 -12.12
N THR C 320 -6.93 -6.26 -12.13
CA THR C 320 -6.65 -5.21 -13.09
C THR C 320 -6.30 -3.91 -12.38
N PRO C 321 -5.29 -3.17 -12.84
CA PRO C 321 -4.96 -1.88 -12.23
C PRO C 321 -5.69 -0.68 -12.81
N PHE C 322 -6.38 -0.86 -13.95
CA PHE C 322 -7.05 0.26 -14.58
C PHE C 322 -8.24 0.76 -13.75
N ALA C 323 -8.95 -0.16 -13.08
CA ALA C 323 -10.04 0.23 -12.21
C ALA C 323 -9.47 0.84 -10.92
N VAL C 324 -9.83 2.08 -10.65
CA VAL C 324 -9.27 2.84 -9.53
C VAL C 324 -10.37 3.16 -8.54
N GLY C 325 -10.13 2.82 -7.28
CA GLY C 325 -11.06 3.16 -6.21
C GLY C 325 -10.36 4.00 -5.15
N TRP C 326 -11.13 4.87 -4.51
CA TRP C 326 -10.61 5.80 -3.51
C TRP C 326 -11.27 5.51 -2.17
N SER C 327 -10.46 5.37 -1.13
CA SER C 327 -10.95 5.12 0.21
C SER C 327 -10.01 5.77 1.21
N ASP C 328 -10.53 6.01 2.41
CA ASP C 328 -9.76 6.65 3.47
C ASP C 328 -8.92 5.63 4.23
N SER C 329 -7.93 6.13 4.95
CA SER C 329 -7.03 5.31 5.76
C SER C 329 -6.96 5.87 7.17
N PRO C 330 -6.73 5.03 8.16
CA PRO C 330 -6.62 5.52 9.54
C PRO C 330 -5.46 6.48 9.70
N THR C 331 -5.69 7.51 10.52
CA THR C 331 -4.67 8.52 10.81
C THR C 331 -4.07 8.36 12.20
N ASN C 332 -4.54 7.40 12.99
CA ASN C 332 -4.04 7.17 14.33
C ASN C 332 -3.12 5.95 14.33
N VAL C 333 -1.96 6.09 14.96
CA VAL C 333 -0.99 4.99 14.98
C VAL C 333 -1.56 3.79 15.73
N MET C 334 -2.26 4.03 16.84
CA MET C 334 -2.82 2.92 17.61
C MET C 334 -3.91 2.20 16.83
N ARG C 335 -4.78 2.95 16.15
CA ARG C 335 -5.82 2.34 15.33
C ARG C 335 -5.21 1.54 14.17
N TYR C 336 -4.17 2.08 13.54
CA TYR C 336 -3.48 1.33 12.49
C TYR C 336 -2.87 0.05 13.04
N ILE C 337 -2.28 0.13 14.24
CA ILE C 337 -1.66 -1.04 14.84
C ILE C 337 -2.69 -2.13 15.11
N VAL C 338 -3.83 -1.75 15.69
CA VAL C 338 -4.84 -2.75 16.02
C VAL C 338 -5.48 -3.32 14.75
N GLN C 339 -5.68 -2.48 13.73
CA GLN C 339 -6.21 -2.98 12.47
C GLN C 339 -5.25 -3.97 11.82
N GLN C 340 -3.96 -3.66 11.81
CA GLN C 340 -2.98 -4.58 11.25
C GLN C 340 -2.87 -5.85 12.09
N THR C 341 -3.05 -5.74 13.41
CA THR C 341 -3.05 -6.94 14.24
C THR C 341 -4.23 -7.84 13.91
N ARG C 342 -5.41 -7.25 13.70
CA ARG C 342 -6.57 -8.05 13.29
C ARG C 342 -6.34 -8.71 11.94
N TRP C 343 -5.77 -7.96 10.99
CA TRP C 343 -5.47 -8.53 9.68
C TRP C 343 -4.45 -9.66 9.80
N SER C 344 -3.45 -9.50 10.66
CA SER C 344 -2.45 -10.54 10.87
C SER C 344 -3.05 -11.79 11.48
N LYS C 345 -3.97 -11.62 12.45
CA LYS C 345 -4.64 -12.80 13.00
C LYS C 345 -5.48 -13.51 11.95
N SER C 346 -6.19 -12.75 11.12
CA SER C 346 -6.98 -13.37 10.06
C SER C 346 -6.08 -14.13 9.08
N TRP C 347 -4.95 -13.54 8.71
CA TRP C 347 -4.04 -14.19 7.78
C TRP C 347 -3.44 -15.44 8.40
N CYS C 348 -3.10 -15.39 9.69
CA CYS C 348 -2.56 -16.57 10.37
C CYS C 348 -3.63 -17.65 10.53
N ARG C 349 -4.91 -17.27 10.55
CA ARG C 349 -5.96 -18.28 10.58
C ARG C 349 -6.16 -18.92 9.20
N GLU C 350 -6.03 -18.14 8.13
CA GLU C 350 -6.36 -18.60 6.79
C GLU C 350 -5.14 -19.03 5.98
N ILE C 351 -3.95 -19.06 6.57
CA ILE C 351 -2.78 -19.58 5.86
C ILE C 351 -2.98 -21.03 5.45
N TRP C 352 -3.54 -21.84 6.34
CA TRP C 352 -3.75 -23.25 6.02
C TRP C 352 -4.68 -23.40 4.82
N TYR C 353 -5.79 -22.65 4.81
CA TYR C 353 -6.72 -22.73 3.70
C TYR C 353 -6.09 -22.23 2.39
N THR C 354 -5.36 -21.12 2.45
CA THR C 354 -4.78 -20.59 1.21
C THR C 354 -3.65 -21.46 0.69
N LEU C 355 -2.97 -22.20 1.58
CA LEU C 355 -1.96 -23.15 1.13
C LEU C 355 -2.59 -24.43 0.58
N GLY C 356 -3.70 -24.88 1.17
CA GLY C 356 -4.38 -26.06 0.65
C GLY C 356 -5.10 -25.80 -0.66
N SER C 357 -5.48 -24.55 -0.91
CA SER C 357 -6.16 -24.21 -2.15
C SER C 357 -5.22 -24.19 -3.36
N ALA C 358 -3.90 -24.25 -3.14
CA ALA C 358 -2.95 -24.18 -4.23
C ALA C 358 -2.71 -25.51 -4.93
N TRP C 359 -3.16 -26.62 -4.34
CA TRP C 359 -2.90 -27.93 -4.95
C TRP C 359 -3.76 -28.15 -6.19
N LYS C 360 -4.94 -27.53 -6.25
CA LYS C 360 -5.83 -27.77 -7.38
C LYS C 360 -5.30 -27.15 -8.67
N HIS C 361 -4.47 -26.12 -8.57
CA HIS C 361 -4.00 -25.41 -9.76
C HIS C 361 -2.98 -26.22 -10.55
N GLY C 362 -2.39 -27.26 -9.96
CA GLY C 362 -1.44 -28.10 -10.68
C GLY C 362 -0.05 -27.50 -10.75
N PHE C 363 0.44 -27.24 -11.96
CA PHE C 363 1.75 -26.63 -12.12
C PHE C 363 1.78 -25.24 -11.50
N SER C 364 0.73 -24.45 -11.70
CA SER C 364 0.61 -23.15 -11.06
C SER C 364 0.16 -23.34 -9.61
N GLY C 365 0.19 -22.24 -8.86
CA GLY C 365 -0.20 -22.25 -7.47
C GLY C 365 0.95 -22.44 -6.49
N ILE C 366 2.10 -22.94 -6.95
CA ILE C 366 3.26 -23.04 -6.08
C ILE C 366 3.80 -21.65 -5.74
N TYR C 367 3.47 -20.64 -6.53
CA TYR C 367 3.92 -19.28 -6.23
C TYR C 367 3.33 -18.78 -4.91
N LEU C 368 2.15 -19.26 -4.54
CA LEU C 368 1.54 -18.87 -3.27
C LEU C 368 2.41 -19.33 -2.10
N ALA C 369 2.78 -20.61 -2.09
CA ALA C 369 3.68 -21.12 -1.06
C ALA C 369 5.03 -20.44 -1.12
N PHE C 370 5.51 -20.16 -2.34
CA PHE C 370 6.81 -19.50 -2.48
C PHE C 370 6.80 -18.11 -1.84
N GLU C 371 5.74 -17.33 -2.07
CA GLU C 371 5.68 -15.99 -1.51
C GLU C 371 5.38 -16.02 -0.01
N CYS C 372 4.61 -17.01 0.46
CA CYS C 372 4.40 -17.16 1.90
C CYS C 372 5.71 -17.46 2.61
N MET C 373 6.50 -18.38 2.04
CA MET C 373 7.82 -18.66 2.61
C MET C 373 8.73 -17.46 2.49
N TYR C 374 8.63 -16.70 1.40
CA TYR C 374 9.38 -15.46 1.26
C TYR C 374 9.11 -14.52 2.42
N GLN C 375 7.84 -14.24 2.69
CA GLN C 375 7.49 -13.31 3.76
C GLN C 375 7.88 -13.85 5.13
N ILE C 376 7.69 -15.16 5.37
CA ILE C 376 8.03 -15.74 6.66
C ILE C 376 9.53 -15.65 6.90
N MET C 377 10.33 -16.03 5.89
CA MET C 377 11.78 -15.96 6.03
C MET C 377 12.26 -14.52 6.11
N TYR C 378 11.59 -13.58 5.43
CA TYR C 378 11.95 -12.18 5.55
C TYR C 378 11.74 -11.67 6.97
N PHE C 379 10.61 -12.02 7.58
CA PHE C 379 10.36 -11.62 8.95
C PHE C 379 11.37 -12.24 9.91
N PHE C 380 11.65 -13.53 9.74
CA PHE C 380 12.61 -14.20 10.61
C PHE C 380 14.02 -13.61 10.44
N LEU C 381 14.40 -13.30 9.20
CA LEU C 381 15.71 -12.72 8.95
C LEU C 381 15.81 -11.32 9.53
N VAL C 382 14.73 -10.54 9.45
CA VAL C 382 14.74 -9.21 10.05
C VAL C 382 14.92 -9.32 11.56
N MET C 383 14.18 -10.24 12.19
CA MET C 383 14.31 -10.43 13.64
C MET C 383 15.73 -10.87 14.00
N TYR C 384 16.28 -11.83 13.26
CA TYR C 384 17.62 -12.34 13.56
C TYR C 384 18.68 -11.26 13.37
N LEU C 385 18.57 -10.47 12.29
CA LEU C 385 19.53 -9.41 12.05
C LEU C 385 19.45 -8.34 13.13
N PHE C 386 18.24 -7.96 13.53
CA PHE C 386 18.10 -6.97 14.59
C PHE C 386 18.70 -7.48 15.90
N SER C 387 18.42 -8.74 16.25
CA SER C 387 18.98 -9.31 17.47
C SER C 387 20.51 -9.36 17.39
N TYR C 388 21.05 -9.74 16.24
CA TYR C 388 22.49 -9.85 16.08
C TYR C 388 23.17 -8.49 16.22
N ILE C 389 22.62 -7.47 15.56
CA ILE C 389 23.23 -6.14 15.65
C ILE C 389 23.05 -5.56 17.04
N ALA C 390 21.98 -5.92 17.74
CA ALA C 390 21.80 -5.44 19.11
C ALA C 390 22.79 -6.09 20.06
N ILE C 391 23.05 -7.39 19.88
CA ILE C 391 23.93 -8.10 20.79
C ILE C 391 25.40 -7.78 20.52
N LYS C 392 25.84 -7.95 19.27
CA LYS C 392 27.26 -7.77 18.97
C LYS C 392 27.66 -6.30 19.02
N ALA C 393 26.75 -5.39 18.68
CA ALA C 393 26.99 -3.95 18.75
C ALA C 393 28.25 -3.54 17.98
N ASP C 394 28.37 -4.07 16.76
CA ASP C 394 29.49 -3.77 15.88
C ASP C 394 29.11 -2.62 14.97
N ILE C 395 29.87 -1.52 15.07
CA ILE C 395 29.56 -0.32 14.28
C ILE C 395 29.79 -0.57 12.79
N ARG C 396 30.81 -1.35 12.43
CA ARG C 396 31.13 -1.57 11.03
C ARG C 396 30.00 -2.29 10.30
N ALA C 397 29.43 -3.32 10.92
CA ALA C 397 28.39 -4.10 10.27
C ALA C 397 27.06 -3.34 10.24
N GLN C 398 26.75 -2.61 11.33
CA GLN C 398 25.51 -1.86 11.37
C GLN C 398 25.46 -0.78 10.30
N THR C 399 26.58 -0.09 10.08
CA THR C 399 26.63 0.94 9.05
C THR C 399 26.39 0.35 7.67
N ALA C 400 27.04 -0.77 7.36
CA ALA C 400 26.83 -1.42 6.08
C ALA C 400 25.38 -1.89 5.92
N THR C 401 24.80 -2.43 7.00
CA THR C 401 23.43 -2.90 6.94
C THR C 401 22.45 -1.76 6.67
N VAL C 402 22.61 -0.65 7.40
CA VAL C 402 21.70 0.47 7.18
C VAL C 402 21.93 1.09 5.80
N LEU C 403 23.18 1.10 5.31
CA LEU C 403 23.45 1.64 3.98
C LEU C 403 22.79 0.80 2.90
N VAL C 404 22.90 -0.52 2.98
CA VAL C 404 22.30 -1.37 1.95
C VAL C 404 20.78 -1.33 2.04
N SER C 405 20.23 -1.26 3.25
CA SER C 405 18.78 -1.12 3.40
C SER C 405 18.29 0.18 2.79
N THR C 406 19.01 1.28 3.04
CA THR C 406 18.66 2.56 2.44
C THR C 406 18.75 2.50 0.92
N LEU C 407 19.79 1.84 0.40
CA LEU C 407 19.96 1.73 -1.05
C LEU C 407 18.80 0.97 -1.69
N VAL C 408 18.43 -0.17 -1.11
CA VAL C 408 17.36 -0.97 -1.70
C VAL C 408 16.02 -0.24 -1.56
N THR C 409 15.80 0.44 -0.44
CA THR C 409 14.56 1.21 -0.29
C THR C 409 14.50 2.37 -1.29
N ILE C 410 15.65 3.00 -1.54
CA ILE C 410 15.70 4.07 -2.53
C ILE C 410 15.42 3.53 -3.93
N ILE C 411 15.94 2.34 -4.24
CA ILE C 411 15.66 1.73 -5.53
C ILE C 411 14.16 1.43 -5.67
N LYS C 412 13.54 0.91 -4.61
CA LYS C 412 12.11 0.64 -4.65
C LYS C 412 11.32 1.93 -4.83
N SER C 413 11.70 2.99 -4.12
CA SER C 413 11.01 4.28 -4.25
C SER C 413 11.18 4.85 -5.66
N SER C 414 12.37 4.69 -6.24
CA SER C 414 12.60 5.16 -7.60
C SER C 414 11.73 4.40 -8.59
N TYR C 415 11.60 3.09 -8.41
CA TYR C 415 10.69 2.33 -9.28
C TYR C 415 9.25 2.80 -9.10
N LEU C 416 8.84 3.05 -7.85
CA LEU C 416 7.48 3.53 -7.62
C LEU C 416 7.24 4.88 -8.30
N ALA C 417 8.24 5.77 -8.24
CA ALA C 417 8.11 7.05 -8.93
C ALA C 417 8.04 6.87 -10.44
N LEU C 418 8.84 5.97 -10.99
CA LEU C 418 8.82 5.73 -12.43
C LEU C 418 7.48 5.16 -12.88
N ARG C 419 6.93 4.22 -12.12
CA ARG C 419 5.68 3.58 -12.52
C ARG C 419 4.50 4.55 -12.38
N ALA C 420 4.43 5.27 -11.26
CA ALA C 420 3.32 6.18 -11.01
C ALA C 420 3.49 7.54 -11.67
N LYS C 421 4.66 7.82 -12.23
CA LYS C 421 4.97 9.12 -12.85
C LYS C 421 4.75 10.26 -11.87
N ASN C 422 5.07 10.03 -10.59
CA ASN C 422 4.89 11.01 -9.53
C ASN C 422 6.16 11.09 -8.69
N LEU C 423 6.59 12.31 -8.39
CA LEU C 423 7.79 12.53 -7.60
C LEU C 423 7.58 12.28 -6.11
N LYS C 424 6.33 12.16 -5.66
CA LYS C 424 6.04 11.95 -4.25
C LYS C 424 6.23 10.50 -3.82
N ALA C 425 6.48 9.58 -4.75
CA ALA C 425 6.69 8.19 -4.41
C ALA C 425 8.01 7.94 -3.69
N PHE C 426 8.94 8.90 -3.72
CA PHE C 426 10.18 8.76 -2.98
C PHE C 426 9.99 8.81 -1.47
N TYR C 427 8.80 9.19 -1.01
CA TYR C 427 8.51 9.26 0.42
C TYR C 427 8.40 7.88 1.05
N PHE C 428 8.40 6.82 0.25
CA PHE C 428 8.26 5.46 0.77
C PHE C 428 9.45 5.04 1.62
N VAL C 429 10.56 5.79 1.56
CA VAL C 429 11.75 5.40 2.30
C VAL C 429 11.52 5.48 3.81
N LEU C 430 10.57 6.31 4.26
CA LEU C 430 10.26 6.39 5.68
C LEU C 430 9.29 5.30 6.13
N TYR C 431 8.80 4.46 5.22
CA TYR C 431 7.92 3.37 5.64
C TYR C 431 8.64 2.32 6.49
N THR C 432 9.97 2.24 6.39
CA THR C 432 10.70 1.25 7.16
C THR C 432 10.54 1.48 8.66
N TYR C 433 10.60 2.74 9.08
CA TYR C 433 10.46 3.07 10.50
C TYR C 433 9.09 2.65 11.03
N VAL C 434 8.02 3.05 10.33
CA VAL C 434 6.68 2.73 10.81
C VAL C 434 6.44 1.23 10.73
N TYR C 435 6.99 0.56 9.72
CA TYR C 435 6.89 -0.90 9.65
C TYR C 435 7.52 -1.55 10.87
N PHE C 436 8.78 -1.19 11.17
CA PHE C 436 9.49 -1.78 12.28
C PHE C 436 8.81 -1.49 13.61
N PHE C 437 8.25 -0.30 13.78
CA PHE C 437 7.66 0.09 15.05
C PHE C 437 6.19 -0.32 15.20
N CYS C 438 5.52 -0.73 14.12
CA CYS C 438 4.11 -1.08 14.23
C CYS C 438 3.79 -2.52 13.84
N MET C 439 4.28 -2.98 12.68
CA MET C 439 3.85 -4.28 12.18
C MET C 439 4.49 -5.42 12.96
N ILE C 440 5.77 -5.29 13.30
CA ILE C 440 6.45 -6.35 14.06
C ILE C 440 5.81 -6.58 15.42
N PRO C 441 5.58 -5.57 16.26
CA PRO C 441 4.83 -5.84 17.51
C PRO C 441 3.42 -6.34 17.26
N ALA C 442 2.77 -5.87 16.18
CA ALA C 442 1.46 -6.39 15.84
C ALA C 442 1.52 -7.87 15.49
N ARG C 443 2.55 -8.27 14.74
CA ARG C 443 2.71 -9.69 14.41
C ARG C 443 2.99 -10.52 15.67
N ILE C 444 3.81 -10.00 16.58
CA ILE C 444 4.07 -10.72 17.83
C ILE C 444 2.79 -10.87 18.63
N THR C 445 1.99 -9.81 18.71
CA THR C 445 0.71 -9.89 19.43
C THR C 445 -0.22 -10.90 18.77
N ALA C 446 -0.29 -10.90 17.44
CA ALA C 446 -1.14 -11.85 16.73
C ALA C 446 -0.73 -13.28 16.99
N MET C 447 0.58 -13.55 16.98
CA MET C 447 1.06 -14.89 17.29
C MET C 447 0.80 -15.27 18.74
N PHE C 448 0.94 -14.31 19.66
CA PHE C 448 0.74 -14.60 21.08
C PHE C 448 -0.73 -14.93 21.37
N THR C 449 -1.65 -14.20 20.73
CA THR C 449 -3.07 -14.41 21.01
C THR C 449 -3.51 -15.83 20.66
N MET C 450 -3.03 -16.36 19.54
CA MET C 450 -3.39 -17.70 19.09
C MET C 450 -2.32 -18.73 19.43
N PHE C 451 -1.32 -18.36 20.23
CA PHE C 451 -0.29 -19.32 20.62
C PHE C 451 -0.88 -20.41 21.50
N ASP C 452 -0.42 -21.64 21.27
CA ASP C 452 -0.88 -22.88 21.93
C ASP C 452 -2.15 -22.78 22.77
N TRP C 471 -7.99 -5.37 31.27
CA TRP C 471 -6.88 -5.97 30.53
C TRP C 471 -7.09 -5.81 29.02
N LEU C 472 -8.01 -4.95 28.63
CA LEU C 472 -8.27 -4.72 27.22
C LEU C 472 -7.04 -4.13 26.53
N TRP C 473 -6.39 -3.15 27.15
CA TRP C 473 -5.19 -2.56 26.59
C TRP C 473 -3.96 -3.42 26.83
N ALA C 474 -4.01 -4.34 27.80
CA ALA C 474 -2.86 -5.20 28.07
C ALA C 474 -2.58 -6.12 26.89
N LYS C 475 -3.62 -6.64 26.24
CA LYS C 475 -3.44 -7.54 25.11
C LYS C 475 -3.31 -6.81 23.78
N GLN C 476 -3.34 -5.47 23.78
CA GLN C 476 -3.29 -4.69 22.56
C GLN C 476 -2.04 -3.83 22.44
N PHE C 477 -1.68 -3.11 23.50
CA PHE C 477 -0.59 -2.15 23.43
C PHE C 477 0.57 -2.44 24.37
N LEU C 478 0.40 -3.32 25.36
CA LEU C 478 1.48 -3.63 26.28
C LEU C 478 2.64 -4.31 25.55
N ILE C 479 2.33 -5.19 24.60
CA ILE C 479 3.38 -5.84 23.82
C ILE C 479 4.15 -4.81 23.01
N THR C 480 3.45 -3.85 22.42
CA THR C 480 4.11 -2.79 21.66
C THR C 480 5.01 -1.95 22.57
N TYR C 481 4.52 -1.63 23.78
CA TYR C 481 5.33 -0.86 24.71
C TYR C 481 6.58 -1.63 25.11
N MET C 482 6.45 -2.93 25.37
CA MET C 482 7.61 -3.74 25.72
C MET C 482 8.60 -3.82 24.56
N TRP C 483 8.10 -3.94 23.33
CA TRP C 483 8.98 -3.96 22.17
C TRP C 483 9.73 -2.64 22.02
N TRP C 484 9.03 -1.52 22.22
CA TRP C 484 9.70 -0.21 22.15
C TRP C 484 10.75 -0.06 23.24
N ALA C 485 10.43 -0.51 24.45
CA ALA C 485 11.39 -0.44 25.55
C ALA C 485 12.62 -1.31 25.25
N GLY C 486 12.41 -2.50 24.70
CA GLY C 486 13.53 -3.35 24.34
C GLY C 486 14.39 -2.74 23.25
N VAL C 487 13.75 -2.12 22.25
CA VAL C 487 14.50 -1.44 21.19
C VAL C 487 15.34 -0.31 21.77
N LEU C 488 14.74 0.50 22.65
CA LEU C 488 15.48 1.59 23.27
C LEU C 488 16.64 1.08 24.12
N ALA C 489 16.42 -0.01 24.87
CA ALA C 489 17.48 -0.58 25.68
C ALA C 489 18.61 -1.10 24.80
N ALA C 490 18.28 -1.78 23.70
CA ALA C 490 19.31 -2.25 22.78
C ALA C 490 20.10 -1.08 22.19
N GLY C 491 19.40 -0.01 21.80
CA GLY C 491 20.09 1.14 21.25
C GLY C 491 21.02 1.82 22.24
N VAL C 492 20.55 1.99 23.48
CA VAL C 492 21.40 2.66 24.47
C VAL C 492 22.59 1.77 24.84
N TYR C 493 22.37 0.45 24.92
CA TYR C 493 23.47 -0.46 25.19
C TYR C 493 24.49 -0.42 24.06
N SER C 494 24.02 -0.35 22.81
CA SER C 494 24.94 -0.27 21.68
C SER C 494 25.74 1.02 21.69
N ILE C 495 25.09 2.16 21.97
CA ILE C 495 25.80 3.42 21.89
C ILE C 495 26.79 3.56 23.05
N VAL C 496 26.42 3.11 24.25
CA VAL C 496 27.35 3.24 25.37
C VAL C 496 28.53 2.28 25.20
N ASP C 497 28.31 1.12 24.57
CA ASP C 497 29.40 0.16 24.39
C ASP C 497 30.47 0.70 23.46
N ASN C 498 30.06 1.39 22.40
CA ASN C 498 30.98 1.94 21.39
C ASN C 498 31.15 3.44 21.55
N TRP C 499 31.16 3.95 22.79
CA TRP C 499 31.29 5.38 23.04
C TRP C 499 32.78 5.73 23.04
N TYR C 500 33.30 6.03 21.86
CA TYR C 500 34.70 6.42 21.71
C TYR C 500 34.85 7.19 20.40
N PHE C 501 35.98 7.90 20.30
CA PHE C 501 36.30 8.67 19.10
C PHE C 501 37.75 8.39 18.72
N ASP C 502 37.96 8.01 17.46
CA ASP C 502 39.31 7.71 16.97
C ASP C 502 39.33 8.03 15.48
N TRP C 503 39.87 9.21 15.14
CA TRP C 503 39.92 9.65 13.75
C TRP C 503 41.12 9.08 12.99
N ALA C 504 41.96 8.30 13.64
CA ALA C 504 43.11 7.68 13.01
C ALA C 504 42.79 6.36 12.33
N ASP C 505 41.55 5.88 12.46
CA ASP C 505 41.13 4.61 11.87
C ASP C 505 40.16 4.89 10.73
N ILE C 506 40.44 4.31 9.55
CA ILE C 506 39.60 4.56 8.38
C ILE C 506 38.24 3.91 8.55
N GLN C 507 38.18 2.72 9.16
CA GLN C 507 36.91 2.03 9.34
C GLN C 507 35.98 2.83 10.25
N TYR C 508 36.51 3.37 11.35
CA TYR C 508 35.70 4.22 12.22
C TYR C 508 35.24 5.47 11.48
N ARG C 509 36.14 6.09 10.72
CA ARG C 509 35.76 7.25 9.91
C ARG C 509 34.69 6.89 8.91
N PHE C 510 34.81 5.72 8.26
CA PHE C 510 33.81 5.29 7.30
C PHE C 510 32.46 5.10 7.96
N ALA C 511 32.42 4.47 9.13
CA ALA C 511 31.16 4.26 9.82
C ALA C 511 30.52 5.57 10.23
N LEU C 512 31.30 6.51 10.77
CA LEU C 512 30.76 7.80 11.16
C LEU C 512 30.25 8.58 9.95
N VAL C 513 31.00 8.58 8.84
CA VAL C 513 30.53 9.27 7.65
C VAL C 513 29.24 8.64 7.13
N GLY C 514 29.15 7.31 7.15
CA GLY C 514 27.94 6.66 6.68
C GLY C 514 26.73 6.99 7.53
N ILE C 515 26.87 6.93 8.86
CA ILE C 515 25.73 7.22 9.72
C ILE C 515 25.36 8.69 9.65
N CYS C 516 26.35 9.58 9.53
CA CYS C 516 26.05 11.01 9.39
C CYS C 516 25.32 11.27 8.07
N SER C 517 25.74 10.61 6.99
CA SER C 517 25.05 10.78 5.71
C SER C 517 23.62 10.27 5.78
N TYR C 518 23.40 9.13 6.45
CA TYR C 518 22.05 8.61 6.61
C TYR C 518 21.18 9.56 7.42
N LEU C 519 21.73 10.12 8.51
CA LEU C 519 20.97 11.07 9.31
C LEU C 519 20.66 12.33 8.52
N VAL C 520 21.62 12.82 7.73
CA VAL C 520 21.37 14.00 6.91
C VAL C 520 20.29 13.72 5.88
N PHE C 521 20.33 12.53 5.26
CA PHE C 521 19.34 12.18 4.26
C PHE C 521 17.94 12.13 4.86
N VAL C 522 17.79 11.45 6.00
CA VAL C 522 16.46 11.35 6.60
C VAL C 522 15.99 12.72 7.08
N SER C 523 16.91 13.53 7.61
CA SER C 523 16.53 14.87 8.07
C SER C 523 16.05 15.75 6.91
N ILE C 524 16.76 15.72 5.79
CA ILE C 524 16.35 16.55 4.66
C ILE C 524 15.06 16.04 4.05
N VAL C 525 14.85 14.72 4.03
CA VAL C 525 13.58 14.20 3.55
C VAL C 525 12.43 14.65 4.45
N LEU C 526 12.63 14.60 5.77
CA LEU C 526 11.61 15.07 6.69
C LEU C 526 11.34 16.55 6.51
N VAL C 527 12.41 17.34 6.29
CA VAL C 527 12.24 18.77 6.06
C VAL C 527 11.44 19.03 4.79
N ILE C 528 11.74 18.28 3.73
CA ILE C 528 11.01 18.43 2.47
C ILE C 528 9.54 18.08 2.68
N TYR C 529 9.26 17.00 3.41
CA TYR C 529 7.87 16.62 3.67
C TYR C 529 7.16 17.70 4.48
N LEU C 530 7.84 18.27 5.47
CA LEU C 530 7.24 19.34 6.27
C LEU C 530 6.94 20.56 5.41
N ILE C 531 7.86 20.93 4.51
CA ILE C 531 7.62 22.05 3.60
C ILE C 531 6.43 21.75 2.70
N GLY C 532 6.29 20.50 2.25
CA GLY C 532 5.17 20.14 1.40
C GLY C 532 3.83 20.23 2.08
N LYS C 533 3.81 20.14 3.41
CA LYS C 533 2.55 20.21 4.16
C LYS C 533 1.92 21.60 4.04
N ILE C 534 2.70 22.64 4.31
CA ILE C 534 2.19 24.00 4.19
C ILE C 534 1.90 24.33 2.72
N THR C 535 2.81 23.94 1.83
CA THR C 535 2.60 24.19 0.40
C THR C 535 1.42 23.42 -0.16
N THR C 536 0.97 22.37 0.55
CA THR C 536 -0.14 21.51 0.15
C THR C 536 0.12 20.81 -1.18
N TRP C 537 1.39 20.69 -1.58
CA TRP C 537 1.72 19.91 -2.77
C TRP C 537 1.52 18.43 -2.52
N ASN C 538 1.75 17.96 -1.29
CA ASN C 538 1.55 16.55 -0.97
C ASN C 538 0.08 16.17 -0.97
N TYR C 539 -0.83 17.14 -0.90
CA TYR C 539 -2.26 16.83 -0.89
C TYR C 539 -2.70 16.27 -2.23
N THR C 540 -3.54 15.24 -2.17
CA THR C 540 -4.10 14.67 -3.38
C THR C 540 -5.04 15.69 -4.04
N PRO C 541 -4.98 15.85 -5.37
CA PRO C 541 -5.92 16.76 -6.04
C PRO C 541 -7.38 16.41 -5.79
N LEU C 542 -7.69 15.12 -5.67
CA LEU C 542 -9.06 14.73 -5.31
C LEU C 542 -9.38 15.11 -3.87
N GLN C 543 -8.38 15.06 -2.99
CA GLN C 543 -8.60 15.45 -1.60
C GLN C 543 -8.94 16.93 -1.48
N LYS C 544 -8.28 17.78 -2.28
CA LYS C 544 -8.55 19.21 -2.21
C LYS C 544 -9.99 19.53 -2.59
N GLU C 545 -10.51 18.85 -3.62
CA GLU C 545 -11.89 19.07 -4.02
C GLU C 545 -12.85 18.68 -2.91
N LEU C 546 -12.60 17.55 -2.24
CA LEU C 546 -13.44 17.14 -1.14
C LEU C 546 -13.39 18.14 0.01
N ILE C 547 -12.19 18.65 0.32
CA ILE C 547 -12.07 19.65 1.38
C ILE C 547 -12.84 20.91 1.04
N GLU C 548 -12.72 21.39 -0.20
CA GLU C 548 -13.45 22.59 -0.61
C GLU C 548 -14.95 22.37 -0.56
N GLU C 549 -15.43 21.22 -1.03
CA GLU C 549 -16.86 20.93 -0.99
C GLU C 549 -17.38 20.83 0.43
N ARG C 550 -16.60 20.21 1.32
CA ARG C 550 -16.98 20.15 2.73
C ARG C 550 -17.04 21.54 3.34
N TYR C 551 -16.09 22.40 2.98
CA TYR C 551 -16.09 23.78 3.44
C TYR C 551 -17.31 24.53 2.94
N LEU C 552 -17.75 24.20 1.72
CA LEU C 552 -18.91 24.88 1.14
C LEU C 552 -20.17 24.66 1.98
N HIS C 553 -20.39 23.43 2.44
CA HIS C 553 -21.54 23.13 3.29
C HIS C 553 -21.08 22.65 4.66
C1 NAG D . -6.49 -6.21 3.10
C2 NAG D . -7.87 -6.82 3.34
C3 NAG D . -7.90 -7.55 4.68
C4 NAG D . -6.76 -8.55 4.76
C5 NAG D . -5.43 -7.87 4.46
C6 NAG D . -4.27 -8.84 4.39
C7 NAG D . -9.64 -5.56 2.20
C8 NAG D . -10.67 -4.47 2.33
N2 NAG D . -8.91 -5.80 3.28
O1 NAG D . -6.47 -5.61 1.84
O3 NAG D . -9.15 -8.21 4.83
O4 NAG D . -6.71 -9.13 6.06
O5 NAG D . -5.49 -7.23 3.17
O6 NAG D . -3.24 -8.37 3.53
O7 NAG D . -9.48 -6.17 1.15
CAA Y01 E . 19.47 6.21 20.60
CBA Y01 E . 18.29 5.23 20.49
CAB Y01 E . 17.94 4.70 21.90
CAN Y01 E . 18.54 4.08 19.44
CAJ Y01 E . 17.60 4.07 18.19
CAO Y01 E . 17.72 2.84 17.20
CBB Y01 E . 17.11 3.01 15.74
CAC Y01 E . 16.86 4.50 15.43
CBE Y01 E . 17.96 2.37 14.56
CAP Y01 E . 19.04 1.39 15.03
CAQ Y01 E . 19.26 0.33 13.89
CBG Y01 E . 18.21 0.58 12.74
CBI Y01 E . 17.14 1.43 13.55
CAE Y01 E . 16.30 0.51 14.43
CAU Y01 E . 16.14 2.00 12.53
CAS Y01 E . 15.41 0.87 11.73
CBF Y01 E . 16.33 -0.11 10.93
CBD Y01 E . 17.51 -0.63 11.86
CAK Y01 E . 18.47 -1.54 11.01
CAI Y01 E . 17.72 -2.46 9.97
CAZ Y01 E . 16.49 -2.40 9.56
CAV Y01 E . 15.65 -3.29 8.51
CBH Y01 E . 15.54 -1.31 10.15
CAD Y01 E . 14.75 -2.10 11.20
CAT Y01 E . 14.47 -0.75 9.13
CAR Y01 E . 13.64 -1.78 8.31
CBC Y01 E . 14.59 -2.66 7.47
OAW Y01 E . 13.79 -3.62 6.70
CAY Y01 E . 14.06 -3.88 5.33
OAG Y01 E . 15.18 -4.26 5.08
CAM Y01 E . 13.01 -3.69 4.16
CAL Y01 E . 13.52 -4.08 2.74
CAX Y01 E . 12.80 -3.35 1.51
OAH Y01 E . 13.38 -2.37 1.00
OAF Y01 E . 11.71 -3.80 1.12
#